data_3TAL
#
_entry.id   3TAL
#
_cell.length_a   64.803
_cell.length_b   114.654
_cell.length_c   121.624
_cell.angle_alpha   90.00
_cell.angle_beta   90.00
_cell.angle_gamma   90.00
#
_symmetry.space_group_name_H-M   'P 21 21 21'
#
loop_
_entity.id
_entity.type
_entity.pdbx_description
1 polymer 'DNA double-strand break repair protein nurA'
2 non-polymer 'MANGANESE (II) ION'
3 non-polymer GLYCEROL
4 water water
#
_entity_poly.entity_id   1
_entity_poly.type   'polypeptide(L)'
_entity_poly.pdbx_seq_one_letter_code
;(MSE)GSSHHHHHHSSGLVPRGSH(MSE)RLLSKQSIERITKILLDELENVRENEQIRNIINSWKPLPSPEKSSIYAVDG
SRSVSRLSGTVIYFLSALAVGSGKQLRLSYANAIKSNYGTSDQIVR(MSE)Q(MSE)ETLEN(MSE)LGYLAYRKLEGEK
RAIL(MSE)DGTLTGSLVRPPVYPEDIRSLNV(MSE)RALIGESDFENLLNEFLEKLRDHYRKVEEHLEKNGNYDSPILT
DNVVEKLRKKYIDTKVIAYGSGKVKVKIPRKALGYSPRVIPIEVLESSRGKSVDELLQELDEEKVELYLGKDDIYDALH
(MSE)TLSYIEYLYSIDKLLEVKNLAYIAKSFYTKTLARTLGVEIVDTALLDAVIRTLIGHEKEGYLEIEHAVVPPKWSF
PDFLLSKFRNIEKLIDKGIHLAYVRFEQGDVIY(MSE)LQSTTNIEKILPLILHHKAGGYLRPLQLAHHGVKISYKEARH
TLEALINALRNRDPALKIFVKYGRSPLE
;
_entity_poly.pdbx_strand_id   A,B
#
loop_
_chem_comp.id
_chem_comp.type
_chem_comp.name
_chem_comp.formula
GOL non-polymer GLYCEROL 'C3 H8 O3'
MN non-polymer 'MANGANESE (II) ION' 'Mn 2'
#
# COMPACT_ATOMS: atom_id res chain seq x y z
N LYS A 26 -10.33 1.78 27.30
CA LYS A 26 -9.60 0.79 28.10
C LYS A 26 -10.37 -0.52 28.17
N GLN A 27 -11.58 -0.55 27.60
CA GLN A 27 -12.35 -1.79 27.54
C GLN A 27 -11.63 -2.77 26.64
N SER A 28 -11.13 -2.25 25.53
CA SER A 28 -10.40 -3.03 24.55
C SER A 28 -9.16 -3.67 25.16
N ILE A 29 -8.69 -3.09 26.26
CA ILE A 29 -7.39 -3.47 26.83
C ILE A 29 -7.33 -4.97 27.09
N GLU A 30 -8.49 -5.58 27.22
CA GLU A 30 -8.61 -7.03 27.36
C GLU A 30 -8.72 -7.71 26.00
N ARG A 31 -9.70 -7.30 25.22
CA ARG A 31 -9.92 -7.88 23.90
C ARG A 31 -8.54 -8.14 23.32
N ILE A 32 -7.74 -7.09 23.20
CA ILE A 32 -6.35 -7.26 22.78
C ILE A 32 -5.68 -8.42 23.52
N THR A 33 -5.54 -8.30 24.84
CA THR A 33 -4.90 -9.34 25.64
C THR A 33 -5.49 -10.71 25.31
N LYS A 34 -6.82 -10.82 25.39
CA LYS A 34 -7.51 -12.02 24.97
C LYS A 34 -6.94 -12.42 23.61
N ILE A 35 -7.13 -11.54 22.64
CA ILE A 35 -6.62 -11.72 21.29
C ILE A 35 -5.16 -12.17 21.24
N LEU A 36 -4.31 -11.51 22.02
CA LEU A 36 -2.88 -11.83 22.04
C LEU A 36 -2.58 -13.19 22.67
N LEU A 37 -3.41 -13.59 23.62
CA LEU A 37 -3.30 -14.91 24.23
C LEU A 37 -3.83 -16.01 23.31
N ASP A 38 -5.11 -15.92 22.95
CA ASP A 38 -5.72 -16.93 22.10
C ASP A 38 -4.87 -17.12 20.85
N GLU A 39 -4.08 -16.11 20.49
CA GLU A 39 -3.06 -16.25 19.45
C GLU A 39 -1.95 -17.20 19.92
N LEU A 40 -1.35 -16.87 21.06
CA LEU A 40 -0.24 -17.66 21.61
C LEU A 40 -0.58 -19.13 21.63
N GLU A 41 -1.80 -19.40 22.04
CA GLU A 41 -2.17 -20.75 22.43
C GLU A 41 -2.83 -21.51 21.29
N ASN A 42 -2.90 -20.88 20.13
CA ASN A 42 -3.09 -21.61 18.88
C ASN A 42 -1.70 -22.10 18.41
N VAL A 43 -0.71 -21.81 19.26
CA VAL A 43 0.67 -22.29 19.19
C VAL A 43 0.91 -23.31 20.30
N ARG A 44 0.60 -22.91 21.54
CA ARG A 44 0.75 -23.82 22.67
C ARG A 44 0.24 -25.15 22.17
N GLU A 45 -0.91 -25.10 21.50
CA GLU A 45 -1.47 -26.25 20.82
C GLU A 45 -0.42 -26.81 19.87
N ASN A 46 -0.21 -28.11 19.92
CA ASN A 46 0.99 -28.71 19.37
C ASN A 46 0.87 -29.25 17.96
N GLU A 47 1.47 -28.56 16.99
CA GLU A 47 1.67 -29.20 15.72
C GLU A 47 3.16 -29.37 15.53
N GLN A 48 3.66 -30.55 15.90
CA GLN A 48 5.04 -30.90 15.61
C GLN A 48 6.02 -29.89 16.22
N ILE A 49 5.47 -28.87 16.86
CA ILE A 49 6.29 -27.93 17.61
C ILE A 49 6.84 -28.57 18.88
N ARG A 50 5.99 -29.27 19.63
CA ARG A 50 6.38 -29.72 20.96
C ARG A 50 7.78 -30.29 20.87
N ASN A 51 7.87 -31.39 20.14
CA ASN A 51 9.14 -32.05 19.84
C ASN A 51 10.22 -31.10 19.30
N ILE A 52 9.90 -30.37 18.23
CA ILE A 52 10.87 -29.52 17.53
C ILE A 52 11.61 -28.56 18.46
N ILE A 53 10.98 -28.20 19.58
CA ILE A 53 11.63 -27.33 20.54
C ILE A 53 12.88 -27.96 21.15
N ASN A 54 12.80 -29.20 21.61
CA ASN A 54 13.99 -29.82 22.17
C ASN A 54 14.88 -30.32 21.04
N SER A 55 14.42 -30.05 19.83
CA SER A 55 15.24 -30.16 18.62
C SER A 55 16.04 -28.87 18.49
N TRP A 56 15.91 -28.01 19.50
CA TRP A 56 16.65 -26.76 19.56
C TRP A 56 18.10 -27.08 19.85
N LYS A 57 18.97 -26.70 18.93
CA LYS A 57 20.39 -26.94 19.07
C LYS A 57 21.02 -25.81 19.88
N PRO A 58 22.24 -26.04 20.40
CA PRO A 58 23.02 -24.93 20.96
C PRO A 58 23.74 -24.21 19.84
N LEU A 59 24.53 -23.19 20.16
CA LEU A 59 25.25 -22.46 19.12
C LEU A 59 26.53 -23.17 18.73
N PRO A 60 26.88 -23.13 17.44
CA PRO A 60 28.16 -23.70 17.02
C PRO A 60 29.26 -22.87 17.63
N SER A 61 30.51 -23.21 17.34
CA SER A 61 31.64 -22.41 17.83
C SER A 61 32.03 -21.35 16.80
N PRO A 62 32.37 -20.13 17.28
CA PRO A 62 32.73 -19.01 16.39
C PRO A 62 33.80 -19.40 15.39
N GLU A 63 33.76 -18.79 14.22
CA GLU A 63 34.77 -19.02 13.20
C GLU A 63 35.18 -17.68 12.64
N LYS A 64 36.46 -17.50 12.33
CA LYS A 64 36.94 -16.19 11.92
C LYS A 64 36.35 -15.77 10.57
N SER A 65 35.78 -14.58 10.49
CA SER A 65 35.17 -14.12 9.25
C SER A 65 35.43 -12.64 8.99
N SER A 66 35.33 -12.26 7.72
CA SER A 66 35.42 -10.86 7.34
C SER A 66 34.05 -10.43 6.84
N ILE A 67 33.38 -9.59 7.61
CA ILE A 67 31.95 -9.37 7.42
C ILE A 67 31.61 -7.92 7.10
N TYR A 68 30.49 -7.73 6.42
CA TYR A 68 29.92 -6.40 6.21
C TYR A 68 28.42 -6.52 6.45
N ALA A 69 27.84 -5.53 7.11
CA ALA A 69 26.41 -5.48 7.33
C ALA A 69 25.85 -4.25 6.68
N VAL A 70 24.75 -4.38 5.96
CA VAL A 70 24.14 -3.22 5.32
C VAL A 70 22.64 -3.06 5.59
N ASP A 71 22.29 -1.90 6.13
CA ASP A 71 20.90 -1.52 6.32
C ASP A 71 20.65 -0.28 5.46
N GLY A 72 19.42 0.20 5.48
CA GLY A 72 19.10 1.43 4.80
C GLY A 72 18.00 2.16 5.55
N SER A 73 17.92 3.46 5.33
CA SER A 73 16.82 4.25 5.83
C SER A 73 16.17 4.92 4.65
N ARG A 74 14.92 5.33 4.80
CA ARG A 74 14.31 6.16 3.78
C ARG A 74 13.48 7.25 4.40
N SER A 75 13.58 8.45 3.85
CA SER A 75 12.71 9.55 4.25
C SER A 75 11.84 9.99 3.08
N VAL A 76 10.53 9.94 3.29
CA VAL A 76 9.58 10.32 2.26
C VAL A 76 8.87 11.60 2.66
N SER A 77 8.55 12.42 1.66
CA SER A 77 7.71 13.59 1.86
C SER A 77 6.77 13.77 0.67
N ARG A 78 5.48 13.90 0.93
CA ARG A 78 4.52 14.14 -0.13
C ARG A 78 4.33 15.64 -0.26
N LEU A 79 4.49 16.14 -1.47
CA LEU A 79 4.18 17.54 -1.79
C LEU A 79 3.11 17.55 -2.84
N SER A 80 1.92 18.03 -2.49
CA SER A 80 0.77 17.92 -3.39
C SER A 80 0.60 16.46 -3.83
N GLY A 81 0.32 16.24 -5.11
CA GLY A 81 0.18 14.90 -5.64
C GLY A 81 1.52 14.34 -6.03
N THR A 82 2.58 14.93 -5.49
CA THR A 82 3.94 14.51 -5.77
C THR A 82 4.67 14.02 -4.50
N VAL A 83 5.43 12.95 -4.65
CA VAL A 83 6.18 12.36 -3.53
C VAL A 83 7.68 12.59 -3.67
N ILE A 84 8.31 13.05 -2.59
CA ILE A 84 9.75 13.33 -2.61
C ILE A 84 10.48 12.53 -1.53
N TYR A 85 11.35 11.62 -1.97
CA TYR A 85 12.04 10.69 -1.07
C TYR A 85 13.55 10.86 -1.06
N PHE A 86 14.19 10.41 0.01
CA PHE A 86 15.64 10.31 0.09
C PHE A 86 16.05 8.93 0.60
N LEU A 87 16.77 8.16 -0.21
CA LEU A 87 17.26 6.86 0.23
C LEU A 87 18.70 6.97 0.71
N SER A 88 19.02 6.26 1.78
CA SER A 88 20.41 6.10 2.19
C SER A 88 20.67 4.66 2.57
N ALA A 89 21.81 4.12 2.16
CA ALA A 89 22.18 2.74 2.47
C ALA A 89 23.65 2.69 2.87
N LEU A 90 23.92 2.03 3.98
CA LEU A 90 25.26 2.00 4.55
C LEU A 90 25.75 0.57 4.83
N ALA A 91 27.02 0.32 4.60
CA ALA A 91 27.64 -0.94 4.99
C ALA A 91 28.82 -0.71 5.93
N VAL A 92 28.66 -1.07 7.20
CA VAL A 92 29.79 -0.98 8.13
C VAL A 92 30.36 -2.36 8.36
N GLY A 93 31.51 -2.47 9.02
CA GLY A 93 32.12 -3.78 9.12
C GLY A 93 33.64 -3.86 9.13
N SER A 94 34.10 -5.03 8.71
CA SER A 94 35.52 -5.35 8.52
C SER A 94 36.22 -4.53 7.44
N GLY A 95 35.47 -3.77 6.67
CA GLY A 95 36.07 -2.82 5.76
C GLY A 95 35.84 -1.42 6.26
N LYS A 96 36.16 -0.42 5.44
CA LYS A 96 35.79 0.96 5.74
C LYS A 96 34.29 1.10 5.48
N GLN A 97 33.77 2.30 5.65
CA GLN A 97 32.34 2.49 5.48
C GLN A 97 31.96 2.89 4.05
N LEU A 98 30.98 2.20 3.49
CA LEU A 98 30.51 2.48 2.14
C LEU A 98 29.07 2.99 2.16
N ARG A 99 28.78 3.94 1.29
CA ARG A 99 27.55 4.71 1.36
C ARG A 99 26.95 4.94 -0.02
N LEU A 100 25.66 4.63 -0.18
CA LEU A 100 24.93 5.01 -1.38
C LEU A 100 23.85 5.99 -1.00
N SER A 101 23.62 6.98 -1.86
CA SER A 101 22.56 7.96 -1.63
C SER A 101 21.73 8.16 -2.88
N TYR A 102 20.60 8.84 -2.71
CA TYR A 102 19.73 9.16 -3.83
C TYR A 102 18.60 10.00 -3.31
N ALA A 103 17.99 10.76 -4.21
CA ALA A 103 16.89 11.65 -3.87
C ALA A 103 16.04 11.78 -5.11
N ASN A 104 14.73 11.92 -4.94
CA ASN A 104 13.88 11.99 -6.12
C ASN A 104 12.47 12.45 -5.83
N ALA A 105 11.72 12.63 -6.90
CA ALA A 105 10.31 12.97 -6.81
C ALA A 105 9.59 12.03 -7.75
N ILE A 106 8.40 11.62 -7.38
CA ILE A 106 7.68 10.68 -8.22
C ILE A 106 6.18 10.80 -8.02
N LYS A 107 5.43 10.51 -9.07
CA LYS A 107 3.99 10.66 -9.03
C LYS A 107 3.42 9.96 -7.81
N SER A 108 2.59 10.67 -7.06
CA SER A 108 1.99 10.05 -5.89
C SER A 108 0.95 9.03 -6.33
N ASN A 109 0.72 8.04 -5.48
CA ASN A 109 -0.24 7.00 -5.73
C ASN A 109 -0.65 6.45 -4.38
N TYR A 110 -1.37 5.33 -4.39
CA TYR A 110 -1.57 4.60 -3.15
C TYR A 110 -0.71 3.34 -3.15
N GLY A 111 -1.08 2.37 -3.99
CA GLY A 111 -0.26 1.19 -4.12
C GLY A 111 1.11 1.51 -4.68
N THR A 112 1.14 2.20 -5.81
CA THR A 112 2.36 2.32 -6.61
C THR A 112 3.43 3.32 -6.13
N SER A 113 3.05 4.40 -5.47
CA SER A 113 4.04 5.34 -4.94
C SER A 113 5.00 4.64 -3.98
N ASP A 114 4.48 4.16 -2.85
CA ASP A 114 5.25 3.38 -1.89
C ASP A 114 5.99 2.29 -2.64
N GLN A 115 5.24 1.58 -3.46
CA GLN A 115 5.74 0.44 -4.22
C GLN A 115 7.08 0.73 -4.92
N ILE A 116 7.16 1.83 -5.65
CA ILE A 116 8.42 2.17 -6.29
C ILE A 116 9.54 2.37 -5.27
N VAL A 117 9.39 3.39 -4.43
CA VAL A 117 10.46 3.75 -3.49
C VAL A 117 11.03 2.55 -2.72
N ARG A 118 10.15 1.69 -2.22
CA ARG A 118 10.59 0.48 -1.53
C ARG A 118 11.61 -0.28 -2.35
N MSE A 119 11.27 -0.59 -3.59
CA MSE A 119 12.19 -1.29 -4.46
C MSE A 119 13.53 -0.58 -4.48
O MSE A 119 14.55 -1.18 -4.20
CB MSE A 119 11.64 -1.39 -5.87
CG MSE A 119 10.67 -2.51 -6.06
SE MSE A 119 10.56 -2.98 -7.90
CE MSE A 119 10.01 -1.26 -8.61
N GLN A 120 13.52 0.71 -4.79
CA GLN A 120 14.74 1.49 -4.82
C GLN A 120 15.53 1.36 -3.51
N MSE A 121 14.85 1.52 -2.38
CA MSE A 121 15.49 1.32 -1.09
C MSE A 121 16.15 -0.06 -1.06
O MSE A 121 17.34 -0.19 -0.78
CB MSE A 121 14.45 1.40 0.04
CG MSE A 121 15.01 1.10 1.43
SE MSE A 121 16.44 2.31 1.91
CE MSE A 121 15.69 3.94 1.19
N GLU A 122 15.37 -1.09 -1.37
CA GLU A 122 15.83 -2.47 -1.33
C GLU A 122 17.01 -2.70 -2.29
N THR A 123 17.02 -1.98 -3.42
CA THR A 123 18.08 -2.19 -4.42
C THR A 123 19.39 -1.50 -4.03
N LEU A 124 19.29 -0.37 -3.35
CA LEU A 124 20.48 0.31 -2.84
C LEU A 124 21.28 -0.59 -1.91
N GLU A 125 20.57 -1.28 -1.03
CA GLU A 125 21.17 -2.18 -0.07
C GLU A 125 21.76 -3.40 -0.76
N ASN A 126 20.95 -4.04 -1.60
CA ASN A 126 21.42 -5.18 -2.37
C ASN A 126 22.70 -4.85 -3.13
N MSE A 127 22.70 -3.75 -3.86
CA MSE A 127 23.89 -3.24 -4.51
C MSE A 127 25.03 -3.19 -3.50
O MSE A 127 26.12 -3.73 -3.73
CB MSE A 127 23.65 -1.83 -5.03
CG MSE A 127 23.55 -1.69 -6.53
SE MSE A 127 23.59 0.19 -7.02
CE MSE A 127 22.27 0.85 -5.77
N LEU A 128 24.78 -2.54 -2.36
CA LEU A 128 25.83 -2.27 -1.40
C LEU A 128 26.47 -3.54 -0.88
N GLY A 129 25.64 -4.49 -0.43
CA GLY A 129 26.14 -5.77 0.04
C GLY A 129 27.02 -6.45 -0.98
N TYR A 130 26.67 -6.32 -2.26
CA TYR A 130 27.45 -6.96 -3.31
C TYR A 130 28.79 -6.29 -3.55
N LEU A 131 28.79 -4.97 -3.75
CA LEU A 131 30.05 -4.23 -3.93
C LEU A 131 30.94 -4.32 -2.69
N ALA A 132 30.31 -4.33 -1.52
CA ALA A 132 31.00 -4.45 -0.25
C ALA A 132 31.74 -5.78 -0.18
N TYR A 133 31.02 -6.84 -0.52
CA TYR A 133 31.61 -8.17 -0.52
C TYR A 133 32.87 -8.18 -1.36
N ARG A 134 32.85 -7.40 -2.44
CA ARG A 134 33.96 -7.35 -3.39
C ARG A 134 35.20 -6.65 -2.84
N LYS A 135 34.99 -5.73 -1.90
CA LYS A 135 36.08 -4.98 -1.27
C LYS A 135 36.61 -5.65 -0.01
N LEU A 136 36.13 -6.87 0.23
CA LEU A 136 36.30 -7.55 1.51
C LEU A 136 37.42 -8.60 1.50
N GLU A 137 38.46 -8.36 2.29
CA GLU A 137 39.60 -9.28 2.38
C GLU A 137 39.39 -10.34 3.46
N GLY A 138 39.69 -11.59 3.13
CA GLY A 138 39.64 -12.68 4.11
C GLY A 138 39.58 -14.07 3.49
N GLU A 139 39.75 -15.08 4.35
CA GLU A 139 39.65 -16.47 3.94
C GLU A 139 38.19 -16.91 3.86
N LYS A 140 37.41 -16.44 4.83
CA LYS A 140 35.99 -16.70 4.88
C LYS A 140 35.28 -15.36 4.93
N ARG A 141 34.44 -15.08 3.92
CA ARG A 141 33.74 -13.80 3.84
C ARG A 141 32.22 -13.92 3.91
N ALA A 142 31.60 -12.90 4.50
CA ALA A 142 30.16 -12.90 4.70
C ALA A 142 29.60 -11.48 4.63
N ILE A 143 28.41 -11.39 4.08
CA ILE A 143 27.64 -10.16 4.14
C ILE A 143 26.40 -10.42 4.99
N LEU A 144 25.95 -9.38 5.68
CA LEU A 144 24.89 -9.55 6.64
C LEU A 144 23.85 -8.46 6.37
N MSE A 145 22.63 -8.88 6.08
CA MSE A 145 21.59 -7.98 5.62
C MSE A 145 20.45 -7.90 6.65
O MSE A 145 20.10 -8.90 7.27
CB MSE A 145 21.04 -8.49 4.30
CG MSE A 145 20.79 -7.43 3.25
SE MSE A 145 22.38 -7.00 2.26
CE MSE A 145 23.04 -8.78 2.04
N ASP A 146 19.88 -6.71 6.83
CA ASP A 146 18.69 -6.59 7.69
C ASP A 146 17.46 -6.89 6.85
N GLY A 147 16.72 -7.92 7.23
CA GLY A 147 15.53 -8.25 6.49
C GLY A 147 15.35 -9.74 6.46
N THR A 148 14.58 -10.20 5.49
CA THR A 148 14.50 -11.60 5.18
C THR A 148 14.73 -11.79 3.68
N LEU A 149 15.06 -13.01 3.29
CA LEU A 149 15.23 -13.35 1.88
C LEU A 149 13.86 -13.60 1.24
N THR A 150 12.96 -14.21 2.02
CA THR A 150 11.62 -14.59 1.56
C THR A 150 10.75 -13.39 1.24
N GLY A 151 10.88 -12.33 2.04
CA GLY A 151 10.03 -11.17 1.92
C GLY A 151 9.91 -10.68 0.49
N SER A 152 11.00 -10.78 -0.26
CA SER A 152 11.00 -10.35 -1.65
C SER A 152 10.28 -11.34 -2.56
N LEU A 153 10.45 -12.63 -2.33
CA LEU A 153 9.88 -13.63 -3.23
C LEU A 153 8.56 -14.27 -2.74
N VAL A 154 8.11 -13.86 -1.56
CA VAL A 154 6.80 -14.24 -1.07
C VAL A 154 5.75 -13.26 -1.56
N ARG A 155 5.82 -12.03 -1.06
CA ARG A 155 4.95 -10.97 -1.55
C ARG A 155 5.83 -9.76 -1.85
N PRO A 156 6.51 -9.78 -3.01
CA PRO A 156 7.54 -8.79 -3.37
C PRO A 156 6.92 -7.41 -3.32
N PRO A 157 7.75 -6.40 -3.22
CA PRO A 157 7.19 -5.06 -3.34
C PRO A 157 6.72 -4.88 -4.77
N VAL A 158 5.71 -5.64 -5.14
CA VAL A 158 5.24 -5.68 -6.53
C VAL A 158 3.72 -5.61 -6.66
N TYR A 159 3.04 -6.64 -6.18
CA TYR A 159 1.59 -6.74 -6.26
C TYR A 159 1.18 -7.03 -7.70
N PRO A 160 -0.02 -7.59 -7.90
CA PRO A 160 -0.34 -7.99 -9.27
C PRO A 160 -0.03 -6.85 -10.26
N GLU A 161 -0.20 -5.61 -9.79
CA GLU A 161 -0.02 -4.42 -10.61
C GLU A 161 1.29 -4.33 -11.41
N ASP A 162 2.42 -4.74 -10.84
CA ASP A 162 3.69 -4.51 -11.52
C ASP A 162 4.07 -5.59 -12.55
N ILE A 163 3.41 -6.74 -12.48
CA ILE A 163 3.61 -7.75 -13.49
C ILE A 163 2.83 -7.35 -14.74
N ARG A 164 1.64 -6.79 -14.54
CA ARG A 164 0.88 -6.27 -15.66
C ARG A 164 1.80 -5.36 -16.44
N SER A 165 2.51 -4.50 -15.71
CA SER A 165 3.42 -3.52 -16.32
C SER A 165 4.38 -4.18 -17.30
N LEU A 166 4.81 -5.40 -17.00
CA LEU A 166 5.68 -6.11 -17.92
C LEU A 166 4.88 -6.68 -19.08
N ASN A 167 3.76 -7.32 -18.76
CA ASN A 167 2.95 -7.97 -19.77
C ASN A 167 2.33 -6.96 -20.73
N VAL A 168 1.97 -5.80 -20.21
CA VAL A 168 1.58 -4.68 -21.06
C VAL A 168 2.76 -4.37 -21.96
N MSE A 169 3.90 -4.06 -21.36
CA MSE A 169 5.09 -3.68 -22.11
C MSE A 169 5.41 -4.70 -23.18
O MSE A 169 5.62 -4.36 -24.35
CB MSE A 169 6.30 -3.51 -21.19
CG MSE A 169 6.37 -2.19 -20.44
SE MSE A 169 6.21 -0.62 -21.59
CE MSE A 169 7.22 -1.28 -23.12
N ARG A 170 5.46 -5.96 -22.78
CA ARG A 170 5.68 -7.03 -23.73
C ARG A 170 4.73 -6.87 -24.91
N ALA A 171 3.43 -6.74 -24.62
CA ALA A 171 2.42 -6.70 -25.66
C ALA A 171 2.53 -5.45 -26.52
N LEU A 172 2.66 -4.29 -25.89
CA LEU A 172 2.71 -3.01 -26.60
C LEU A 172 3.90 -2.92 -27.57
N ILE A 173 5.11 -3.09 -27.06
CA ILE A 173 6.30 -3.01 -27.91
C ILE A 173 6.75 -4.36 -28.47
N GLY A 174 5.98 -5.41 -28.21
CA GLY A 174 6.20 -6.70 -28.81
C GLY A 174 7.41 -7.40 -28.21
N GLU A 175 7.54 -8.70 -28.51
CA GLU A 175 8.61 -9.51 -27.92
C GLU A 175 9.98 -9.24 -28.53
N SER A 176 10.04 -8.97 -29.83
CA SER A 176 11.32 -8.63 -30.45
C SER A 176 11.90 -7.41 -29.75
N ASP A 177 11.30 -6.25 -29.99
CA ASP A 177 11.82 -5.02 -29.45
C ASP A 177 11.95 -5.07 -27.93
N PHE A 178 11.06 -5.81 -27.26
CA PHE A 178 11.13 -5.91 -25.80
C PHE A 178 12.41 -6.59 -25.34
N GLU A 179 12.66 -7.81 -25.80
CA GLU A 179 13.91 -8.48 -25.50
C GLU A 179 15.07 -7.54 -25.82
N ASN A 180 14.98 -6.87 -26.96
CA ASN A 180 15.94 -5.83 -27.32
C ASN A 180 16.03 -4.81 -26.19
N LEU A 181 14.89 -4.29 -25.77
CA LEU A 181 14.85 -3.34 -24.67
C LEU A 181 15.55 -3.92 -23.45
N LEU A 182 15.20 -5.15 -23.11
CA LEU A 182 15.75 -5.78 -21.93
C LEU A 182 17.27 -5.79 -21.99
N ASN A 183 17.82 -6.51 -22.97
CA ASN A 183 19.26 -6.66 -23.09
C ASN A 183 20.06 -5.34 -23.09
N GLU A 184 19.55 -4.32 -23.76
CA GLU A 184 20.26 -3.05 -23.76
C GLU A 184 20.29 -2.44 -22.36
N PHE A 185 19.18 -2.54 -21.65
CA PHE A 185 19.12 -2.03 -20.29
C PHE A 185 19.94 -2.93 -19.38
N LEU A 186 19.82 -4.24 -19.61
CA LEU A 186 20.58 -5.22 -18.85
C LEU A 186 22.07 -4.91 -18.86
N GLU A 187 22.61 -4.52 -20.02
CA GLU A 187 24.04 -4.22 -20.13
C GLU A 187 24.36 -2.82 -19.58
N LYS A 188 23.51 -1.85 -19.87
CA LYS A 188 23.65 -0.50 -19.33
C LYS A 188 23.92 -0.58 -17.83
N LEU A 189 23.18 -1.47 -17.15
CA LEU A 189 23.32 -1.69 -15.73
C LEU A 189 24.67 -2.28 -15.35
N ARG A 190 25.29 -3.01 -16.27
CA ARG A 190 26.62 -3.56 -16.02
C ARG A 190 27.63 -2.45 -15.88
N ASP A 191 27.66 -1.55 -16.87
CA ASP A 191 28.49 -0.36 -16.81
C ASP A 191 28.13 0.44 -15.57
N HIS A 192 26.85 0.56 -15.29
CA HIS A 192 26.40 1.29 -14.11
C HIS A 192 27.11 0.74 -12.88
N TYR A 193 26.97 -0.56 -12.65
CA TYR A 193 27.64 -1.19 -11.52
C TYR A 193 29.11 -0.81 -11.52
N ARG A 194 29.72 -0.75 -12.70
CA ARG A 194 31.12 -0.40 -12.84
C ARG A 194 31.41 1.02 -12.34
N LYS A 195 30.76 2.02 -12.94
CA LYS A 195 30.98 3.39 -12.52
C LYS A 195 30.77 3.48 -11.03
N VAL A 196 29.65 2.90 -10.56
CA VAL A 196 29.32 2.97 -9.14
C VAL A 196 30.42 2.40 -8.28
N GLU A 197 30.86 1.17 -8.60
CA GLU A 197 31.92 0.51 -7.84
C GLU A 197 33.18 1.35 -7.74
N GLU A 198 33.72 1.78 -8.88
CA GLU A 198 34.96 2.52 -8.89
C GLU A 198 34.80 3.92 -8.28
N HIS A 199 33.56 4.31 -7.99
CA HIS A 199 33.29 5.51 -7.20
C HIS A 199 33.37 5.29 -5.70
N LEU A 200 32.80 4.18 -5.24
CA LEU A 200 32.89 3.81 -3.83
C LEU A 200 34.36 3.71 -3.47
N GLU A 201 35.15 3.17 -4.41
CA GLU A 201 36.55 2.92 -4.17
C GLU A 201 37.30 4.20 -3.85
N LYS A 202 36.82 5.30 -4.39
CA LYS A 202 37.45 6.60 -4.18
C LYS A 202 36.93 7.28 -2.92
N ASN A 203 35.69 7.75 -2.97
CA ASN A 203 35.12 8.57 -1.89
C ASN A 203 34.35 7.78 -0.83
N GLY A 204 34.33 6.46 -0.98
CA GLY A 204 33.60 5.61 -0.04
C GLY A 204 32.12 5.89 -0.03
N ASN A 205 31.64 6.61 -1.04
CA ASN A 205 30.22 6.86 -1.21
C ASN A 205 29.86 7.25 -2.64
N TYR A 206 28.59 7.11 -3.00
CA TYR A 206 28.12 7.48 -4.34
C TYR A 206 26.77 8.16 -4.21
N ASP A 207 26.56 9.23 -4.98
CA ASP A 207 25.30 9.93 -4.94
C ASP A 207 24.31 9.59 -6.07
N SER A 208 24.69 8.68 -6.98
CA SER A 208 23.78 8.33 -8.08
C SER A 208 23.78 6.83 -8.37
N PRO A 209 23.41 6.02 -7.38
CA PRO A 209 23.35 4.57 -7.46
C PRO A 209 22.19 4.02 -8.28
N ILE A 210 21.17 4.81 -8.54
CA ILE A 210 19.99 4.30 -9.27
C ILE A 210 19.91 4.71 -10.74
N LEU A 211 19.86 3.72 -11.61
CA LEU A 211 19.88 3.92 -13.05
C LEU A 211 18.53 4.32 -13.68
N THR A 212 17.47 3.62 -13.32
CA THR A 212 16.24 3.64 -14.13
C THR A 212 15.73 5.01 -14.48
N ASP A 213 15.45 5.83 -13.47
CA ASP A 213 14.85 7.13 -13.74
C ASP A 213 15.80 8.10 -14.47
N ASN A 214 17.06 7.71 -14.62
CA ASN A 214 17.98 8.46 -15.46
C ASN A 214 17.89 8.11 -16.95
N VAL A 215 17.74 6.81 -17.25
CA VAL A 215 17.70 6.34 -18.64
C VAL A 215 16.28 6.07 -19.21
N VAL A 216 15.22 6.35 -18.46
CA VAL A 216 13.86 6.03 -18.90
C VAL A 216 13.39 6.85 -20.12
N GLU A 217 13.65 8.15 -20.12
CA GLU A 217 13.22 9.01 -21.23
C GLU A 217 13.75 8.50 -22.56
N LYS A 218 15.06 8.47 -22.72
CA LYS A 218 15.69 8.03 -23.97
C LYS A 218 15.33 6.60 -24.34
N LEU A 219 14.91 5.81 -23.37
CA LEU A 219 14.44 4.46 -23.64
C LEU A 219 13.01 4.47 -24.16
N ARG A 220 12.19 5.37 -23.64
CA ARG A 220 10.86 5.62 -24.20
C ARG A 220 10.97 6.02 -25.67
N LYS A 221 11.87 6.99 -25.92
CA LYS A 221 11.98 7.63 -27.22
C LYS A 221 12.44 6.67 -28.29
N LYS A 222 13.11 5.61 -27.83
CA LYS A 222 13.64 4.59 -28.70
C LYS A 222 12.63 3.47 -28.86
N TYR A 223 12.26 2.84 -27.76
CA TYR A 223 11.38 1.67 -27.80
C TYR A 223 9.89 1.95 -27.80
N ILE A 224 9.49 3.18 -27.48
CA ILE A 224 8.06 3.51 -27.49
C ILE A 224 7.67 4.58 -28.53
N ASP A 225 8.24 5.78 -28.38
CA ASP A 225 7.80 6.92 -29.18
C ASP A 225 7.82 6.64 -30.68
N THR A 226 8.54 5.60 -31.09
CA THR A 226 8.60 5.22 -32.49
C THR A 226 7.44 4.30 -32.92
N LYS A 227 6.75 3.72 -31.95
CA LYS A 227 5.63 2.82 -32.21
C LYS A 227 4.27 3.51 -32.09
N VAL A 228 4.29 4.79 -31.77
CA VAL A 228 3.09 5.47 -31.34
C VAL A 228 2.77 6.75 -32.10
N ILE A 229 1.53 7.19 -32.02
CA ILE A 229 1.10 8.45 -32.59
C ILE A 229 0.34 9.23 -31.52
N ALA A 230 0.11 10.51 -31.73
CA ALA A 230 -0.76 11.28 -30.86
C ALA A 230 -2.21 10.83 -31.04
N TYR A 231 -3.04 11.05 -30.02
CA TYR A 231 -4.48 10.90 -30.19
C TYR A 231 -5.16 12.05 -29.45
N GLY A 232 -6.48 12.11 -29.49
CA GLY A 232 -7.14 13.38 -29.35
C GLY A 232 -6.68 14.27 -28.21
N SER A 233 -6.73 13.77 -26.97
CA SER A 233 -6.26 14.59 -25.85
C SER A 233 -5.46 13.79 -24.85
N GLY A 234 -4.18 14.15 -24.72
CA GLY A 234 -3.30 13.49 -23.80
C GLY A 234 -3.31 11.98 -23.91
N LYS A 235 -3.29 11.47 -25.14
CA LYS A 235 -3.25 10.02 -25.33
C LYS A 235 -2.44 9.64 -26.56
N VAL A 236 -2.26 8.32 -26.73
CA VAL A 236 -1.45 7.82 -27.82
C VAL A 236 -2.04 6.59 -28.50
N LYS A 237 -1.96 6.61 -29.82
CA LYS A 237 -2.53 5.65 -30.74
C LYS A 237 -1.38 4.68 -31.02
N VAL A 238 -1.57 3.40 -30.72
CA VAL A 238 -0.48 2.42 -30.83
C VAL A 238 -0.81 1.15 -31.62
N LYS A 239 -0.06 0.90 -32.69
CA LYS A 239 -0.20 -0.33 -33.46
C LYS A 239 0.29 -1.50 -32.62
N ILE A 240 -0.45 -2.60 -32.64
CA ILE A 240 -0.05 -3.79 -31.88
C ILE A 240 0.80 -4.71 -32.74
N PRO A 241 2.05 -4.95 -32.32
CA PRO A 241 3.01 -5.80 -33.04
C PRO A 241 2.49 -7.21 -33.32
N ARG A 242 2.97 -7.81 -34.42
CA ARG A 242 2.51 -9.12 -34.87
C ARG A 242 3.39 -10.26 -34.37
N ARG A 250 3.10 -15.38 -26.10
CA ARG A 250 2.48 -14.38 -26.94
C ARG A 250 1.28 -13.76 -26.25
N VAL A 251 1.40 -12.47 -25.91
CA VAL A 251 0.38 -11.80 -25.12
C VAL A 251 -0.14 -10.50 -25.75
N ILE A 252 -1.45 -10.29 -25.61
CA ILE A 252 -2.11 -9.08 -26.09
C ILE A 252 -2.97 -8.51 -24.96
N PRO A 253 -3.00 -7.18 -24.82
CA PRO A 253 -3.76 -6.58 -23.73
C PRO A 253 -5.22 -6.99 -23.80
N ILE A 254 -5.94 -6.93 -22.68
CA ILE A 254 -7.32 -7.39 -22.67
C ILE A 254 -8.19 -6.45 -23.49
N GLU A 255 -7.68 -5.24 -23.71
CA GLU A 255 -8.39 -4.21 -24.44
C GLU A 255 -8.82 -4.68 -25.81
N VAL A 256 -7.90 -5.29 -26.55
CA VAL A 256 -8.17 -5.70 -27.92
C VAL A 256 -9.51 -6.40 -28.03
N LEU A 257 -9.78 -7.31 -27.11
CA LEU A 257 -11.10 -7.93 -27.03
C LEU A 257 -12.16 -6.84 -26.92
N GLU A 258 -12.10 -6.09 -25.83
CA GLU A 258 -13.08 -5.07 -25.51
C GLU A 258 -13.37 -4.12 -26.68
N SER A 259 -12.32 -3.74 -27.39
CA SER A 259 -12.47 -2.84 -28.54
C SER A 259 -13.24 -3.46 -29.70
N SER A 260 -13.34 -4.78 -29.72
CA SER A 260 -13.96 -5.52 -30.82
C SER A 260 -15.26 -6.21 -30.37
N ARG A 261 -16.38 -5.92 -31.03
CA ARG A 261 -17.66 -6.47 -30.56
C ARG A 261 -18.54 -7.15 -31.61
N GLY A 262 -19.06 -6.38 -32.56
CA GLY A 262 -19.97 -6.91 -33.55
C GLY A 262 -19.32 -8.04 -34.33
N LYS A 263 -18.01 -8.13 -34.15
CA LYS A 263 -17.18 -9.06 -34.90
C LYS A 263 -16.95 -10.38 -34.16
N SER A 264 -16.90 -11.45 -34.96
CA SER A 264 -16.45 -12.74 -34.50
C SER A 264 -14.97 -12.64 -34.14
N VAL A 265 -14.48 -13.57 -33.33
CA VAL A 265 -13.07 -13.62 -33.00
C VAL A 265 -12.24 -13.73 -34.27
N ASP A 266 -12.75 -14.46 -35.26
CA ASP A 266 -12.03 -14.63 -36.50
C ASP A 266 -11.47 -13.28 -36.95
N GLU A 267 -12.37 -12.33 -37.25
CA GLU A 267 -11.95 -11.01 -37.70
C GLU A 267 -11.01 -10.31 -36.69
N LEU A 268 -11.26 -10.47 -35.40
CA LEU A 268 -10.33 -9.94 -34.40
C LEU A 268 -8.94 -10.50 -34.65
N LEU A 269 -8.90 -11.76 -35.07
CA LEU A 269 -7.65 -12.42 -35.37
C LEU A 269 -7.10 -11.93 -36.71
N GLN A 270 -7.85 -12.13 -37.79
CA GLN A 270 -7.45 -11.64 -39.10
C GLN A 270 -7.01 -10.18 -39.08
N GLU A 271 -7.64 -9.37 -38.23
CA GLU A 271 -7.24 -7.98 -38.08
C GLU A 271 -5.89 -7.91 -37.38
N LEU A 272 -5.72 -8.77 -36.38
CA LEU A 272 -4.45 -8.94 -35.69
C LEU A 272 -3.34 -9.32 -36.66
N ASP A 273 -3.46 -10.49 -37.27
CA ASP A 273 -2.44 -10.99 -38.18
C ASP A 273 -2.21 -10.06 -39.37
N GLU A 274 -3.24 -9.33 -39.77
CA GLU A 274 -3.14 -8.38 -40.89
C GLU A 274 -2.58 -7.04 -40.41
N GLU A 275 -2.26 -6.97 -39.12
CA GLU A 275 -1.62 -5.81 -38.50
C GLU A 275 -2.44 -4.52 -38.48
N LYS A 276 -3.76 -4.64 -38.52
CA LYS A 276 -4.63 -3.47 -38.47
C LYS A 276 -5.11 -3.13 -37.06
N VAL A 277 -4.91 -4.04 -36.11
CA VAL A 277 -5.47 -3.85 -34.76
C VAL A 277 -4.72 -2.82 -33.95
N GLU A 278 -5.46 -1.98 -33.25
CA GLU A 278 -4.78 -0.89 -32.61
C GLU A 278 -5.48 -0.29 -31.42
N LEU A 279 -4.70 0.21 -30.48
CA LEU A 279 -5.23 0.63 -29.19
C LEU A 279 -5.05 2.11 -28.91
N TYR A 280 -5.93 2.64 -28.09
CA TYR A 280 -5.87 4.04 -27.70
C TYR A 280 -5.61 4.13 -26.20
N LEU A 281 -4.40 4.55 -25.86
CA LEU A 281 -3.90 4.43 -24.49
C LEU A 281 -3.46 5.76 -23.91
N GLY A 282 -3.54 5.87 -22.58
CA GLY A 282 -3.03 7.03 -21.90
C GLY A 282 -1.52 7.05 -22.10
N LYS A 283 -1.04 8.13 -22.69
CA LYS A 283 0.38 8.27 -22.98
C LYS A 283 1.19 8.09 -21.70
N ASP A 284 0.58 8.45 -20.58
CA ASP A 284 1.26 8.39 -19.28
C ASP A 284 1.29 7.01 -18.62
N ASP A 285 0.19 6.27 -18.67
CA ASP A 285 0.21 4.90 -18.20
C ASP A 285 1.40 4.18 -18.84
N ILE A 286 1.59 4.44 -20.13
CA ILE A 286 2.64 3.79 -20.89
C ILE A 286 4.03 4.16 -20.35
N TYR A 287 4.26 5.43 -20.06
CA TYR A 287 5.54 5.84 -19.50
C TYR A 287 5.76 5.15 -18.16
N ASP A 288 4.76 5.21 -17.29
CA ASP A 288 4.86 4.59 -15.96
C ASP A 288 5.03 3.08 -16.02
N ALA A 289 4.44 2.44 -17.03
CA ALA A 289 4.61 1.01 -17.20
C ALA A 289 5.98 0.71 -17.78
N LEU A 290 6.58 1.70 -18.44
CA LEU A 290 7.96 1.57 -18.86
C LEU A 290 8.83 1.75 -17.63
N HIS A 291 8.56 2.81 -16.88
CA HIS A 291 9.37 3.14 -15.71
C HIS A 291 9.31 2.04 -14.66
N MSE A 292 8.12 1.49 -14.43
CA MSE A 292 7.99 0.35 -13.55
C MSE A 292 8.85 -0.78 -14.08
O MSE A 292 9.65 -1.36 -13.35
CB MSE A 292 6.55 -0.13 -13.46
CG MSE A 292 6.38 -1.32 -12.54
SE MSE A 292 6.79 -0.80 -10.71
CE MSE A 292 5.01 -0.19 -10.22
N THR A 293 8.65 -1.10 -15.34
CA THR A 293 9.35 -2.21 -15.96
C THR A 293 10.84 -2.10 -15.65
N LEU A 294 11.39 -0.91 -15.83
CA LEU A 294 12.82 -0.65 -15.60
C LEU A 294 13.19 -0.71 -14.12
N SER A 295 12.45 0.00 -13.29
CA SER A 295 12.64 -0.08 -11.86
C SER A 295 12.64 -1.54 -11.45
N TYR A 296 11.71 -2.30 -12.01
CA TYR A 296 11.62 -3.71 -11.67
C TYR A 296 12.86 -4.47 -12.11
N ILE A 297 13.23 -4.34 -13.37
CA ILE A 297 14.40 -5.07 -13.88
C ILE A 297 15.69 -4.74 -13.11
N GLU A 298 15.85 -3.47 -12.73
CA GLU A 298 17.00 -3.03 -11.96
C GLU A 298 17.04 -3.60 -10.54
N TYR A 299 15.86 -3.68 -9.91
CA TYR A 299 15.73 -4.30 -8.59
C TYR A 299 16.11 -5.77 -8.66
N LEU A 300 15.65 -6.44 -9.70
CA LEU A 300 15.92 -7.87 -9.87
C LEU A 300 17.40 -8.11 -10.18
N TYR A 301 17.99 -7.21 -10.95
CA TYR A 301 19.40 -7.31 -11.26
C TYR A 301 20.23 -7.30 -9.98
N SER A 302 19.86 -6.44 -9.04
CA SER A 302 20.64 -6.26 -7.83
C SER A 302 20.53 -7.45 -6.87
N ILE A 303 19.41 -8.17 -6.92
CA ILE A 303 19.29 -9.38 -6.14
C ILE A 303 20.18 -10.45 -6.76
N ASP A 304 20.19 -10.49 -8.09
CA ASP A 304 20.98 -11.45 -8.83
C ASP A 304 22.46 -11.24 -8.52
N LYS A 305 22.89 -9.99 -8.50
CA LYS A 305 24.27 -9.67 -8.13
C LYS A 305 24.59 -10.17 -6.72
N LEU A 306 23.83 -9.71 -5.74
CA LEU A 306 24.07 -10.06 -4.35
C LEU A 306 24.03 -11.57 -4.08
N LEU A 307 23.25 -12.32 -4.86
CA LEU A 307 23.23 -13.76 -4.71
C LEU A 307 24.59 -14.35 -5.07
N GLU A 308 25.44 -13.53 -5.69
CA GLU A 308 26.80 -13.91 -6.08
C GLU A 308 27.71 -14.13 -4.86
N VAL A 309 27.34 -13.51 -3.73
CA VAL A 309 28.03 -13.71 -2.47
C VAL A 309 27.88 -15.14 -2.00
N LYS A 310 28.98 -15.76 -1.56
CA LYS A 310 28.93 -17.14 -1.10
C LYS A 310 28.29 -17.29 0.26
N ASN A 311 28.71 -16.48 1.23
CA ASN A 311 28.03 -16.54 2.52
C ASN A 311 27.22 -15.29 2.79
N LEU A 312 25.91 -15.45 2.65
CA LEU A 312 24.98 -14.36 2.72
C LEU A 312 23.96 -14.70 3.76
N ALA A 313 23.78 -13.80 4.72
CA ALA A 313 22.87 -14.06 5.80
C ALA A 313 21.92 -12.89 6.00
N TYR A 314 20.67 -13.20 6.32
CA TYR A 314 19.70 -12.18 6.66
C TYR A 314 19.33 -12.30 8.12
N ILE A 315 19.15 -11.15 8.77
CA ILE A 315 18.73 -11.11 10.16
C ILE A 315 17.43 -10.34 10.29
N ALA A 316 16.48 -10.89 11.03
CA ALA A 316 15.20 -10.23 11.24
C ALA A 316 14.66 -10.44 12.66
N LYS A 317 14.26 -9.35 13.31
CA LYS A 317 13.68 -9.42 14.64
C LYS A 317 12.27 -9.98 14.56
N SER A 318 11.60 -9.72 13.44
CA SER A 318 10.26 -10.26 13.21
C SER A 318 10.13 -10.65 11.76
N PHE A 319 9.63 -11.85 11.51
CA PHE A 319 9.32 -12.20 10.13
C PHE A 319 7.87 -11.79 9.90
N TYR A 320 6.95 -12.60 10.40
CA TYR A 320 5.54 -12.25 10.55
C TYR A 320 4.76 -13.50 10.95
N THR A 321 3.51 -13.35 11.34
CA THR A 321 2.71 -14.49 11.75
C THR A 321 2.02 -15.22 10.58
N LYS A 322 1.02 -14.57 9.97
CA LYS A 322 0.05 -15.17 9.03
C LYS A 322 0.64 -15.50 7.66
N THR A 323 1.32 -14.54 7.07
CA THR A 323 1.65 -14.57 5.65
C THR A 323 2.31 -15.89 5.20
N LEU A 324 3.45 -16.20 5.79
CA LEU A 324 4.26 -17.36 5.39
C LEU A 324 3.73 -18.68 5.94
N ALA A 325 3.22 -18.68 7.16
CA ALA A 325 2.68 -19.89 7.73
C ALA A 325 1.69 -20.45 6.71
N ARG A 326 1.04 -19.54 5.97
CA ARG A 326 0.08 -19.87 4.93
C ARG A 326 0.67 -19.83 3.54
N THR A 327 1.98 -19.63 3.47
CA THR A 327 2.66 -19.36 2.22
C THR A 327 2.56 -20.53 1.25
N LEU A 328 1.98 -21.63 1.72
CA LEU A 328 1.85 -22.83 0.91
C LEU A 328 3.17 -23.60 0.97
N GLY A 329 4.16 -22.96 1.59
CA GLY A 329 5.43 -23.57 1.91
C GLY A 329 5.21 -24.34 3.20
N VAL A 330 3.95 -24.67 3.43
CA VAL A 330 3.45 -25.13 4.72
C VAL A 330 3.65 -24.04 5.78
N GLU A 331 4.04 -24.39 7.00
CA GLU A 331 3.82 -23.48 8.13
C GLU A 331 5.02 -23.09 8.99
N ILE A 332 5.06 -21.81 9.36
CA ILE A 332 6.13 -21.22 10.16
C ILE A 332 5.56 -20.47 11.37
N VAL A 333 6.29 -20.49 12.48
CA VAL A 333 5.72 -20.09 13.77
C VAL A 333 5.98 -18.65 14.29
N ASP A 334 6.73 -17.83 13.56
CA ASP A 334 6.93 -16.46 14.01
C ASP A 334 7.66 -16.25 15.34
N THR A 335 8.98 -16.17 15.29
CA THR A 335 9.85 -16.16 16.46
C THR A 335 9.31 -15.40 17.67
N ALA A 336 8.63 -14.29 17.46
CA ALA A 336 8.01 -13.60 18.58
C ALA A 336 7.07 -14.54 19.33
N LEU A 337 6.18 -15.20 18.59
CA LEU A 337 5.27 -16.18 19.19
C LEU A 337 6.07 -17.34 19.77
N LEU A 338 6.95 -17.91 18.94
CA LEU A 338 7.69 -19.13 19.31
C LEU A 338 8.57 -18.97 20.55
N ASP A 339 9.29 -17.86 20.64
CA ASP A 339 10.09 -17.55 21.81
C ASP A 339 9.22 -17.59 23.06
N ALA A 340 8.06 -16.94 22.96
CA ALA A 340 7.10 -16.84 24.06
C ALA A 340 6.75 -18.20 24.63
N VAL A 341 6.60 -19.16 23.73
CA VAL A 341 6.24 -20.53 24.09
C VAL A 341 7.36 -21.23 24.84
N ILE A 342 8.57 -21.18 24.32
CA ILE A 342 9.69 -21.90 24.89
C ILE A 342 9.81 -21.70 26.40
N ARG A 343 10.10 -20.48 26.85
CA ARG A 343 10.22 -20.21 28.28
C ARG A 343 8.98 -20.66 29.05
N THR A 344 7.83 -20.61 28.39
CA THR A 344 6.59 -21.09 28.99
C THR A 344 6.64 -22.58 29.32
N LEU A 345 6.91 -23.44 28.33
CA LEU A 345 6.86 -24.88 28.55
C LEU A 345 8.19 -25.51 28.94
N ILE A 346 9.12 -25.55 27.98
CA ILE A 346 10.40 -26.19 28.19
C ILE A 346 11.21 -25.39 29.22
N GLY A 347 10.74 -24.19 29.53
CA GLY A 347 11.37 -23.34 30.54
C GLY A 347 12.78 -22.92 30.18
N HIS A 348 13.17 -23.19 28.94
CA HIS A 348 14.56 -23.05 28.49
C HIS A 348 15.16 -21.66 28.68
N GLU A 349 14.68 -20.69 27.90
CA GLU A 349 15.26 -19.35 27.85
C GLU A 349 16.76 -19.41 27.58
N LYS A 350 17.19 -20.40 26.80
CA LYS A 350 18.61 -20.58 26.53
C LYS A 350 18.97 -20.20 25.11
N GLU A 351 20.20 -19.73 24.94
CA GLU A 351 20.72 -19.38 23.62
C GLU A 351 20.85 -20.64 22.77
N GLY A 352 20.91 -20.45 21.46
CA GLY A 352 21.05 -21.57 20.55
C GLY A 352 20.39 -21.18 19.25
N TYR A 353 19.97 -22.18 18.48
CA TYR A 353 19.13 -21.90 17.34
C TYR A 353 18.34 -23.14 16.93
N LEU A 354 17.26 -22.92 16.19
CA LEU A 354 16.44 -24.02 15.69
C LEU A 354 16.26 -23.91 14.19
N GLU A 355 16.76 -24.89 13.46
CA GLU A 355 16.68 -24.88 12.00
C GLU A 355 15.32 -25.39 11.55
N ILE A 356 14.82 -24.82 10.46
CA ILE A 356 13.58 -25.29 9.87
C ILE A 356 13.94 -26.31 8.79
N GLU A 357 13.62 -27.57 9.08
CA GLU A 357 14.18 -28.70 8.36
C GLU A 357 14.05 -28.58 6.86
N HIS A 358 12.88 -28.18 6.39
CA HIS A 358 12.68 -28.15 4.94
C HIS A 358 12.97 -26.80 4.32
N ALA A 359 14.02 -26.76 3.51
CA ALA A 359 14.43 -25.53 2.84
C ALA A 359 13.35 -24.96 1.91
N VAL A 360 13.22 -23.63 1.93
CA VAL A 360 12.15 -22.93 1.21
C VAL A 360 12.48 -22.75 -0.28
N VAL A 361 11.62 -22.00 -0.99
CA VAL A 361 11.66 -21.87 -2.44
C VAL A 361 10.64 -20.81 -2.81
N PRO A 362 11.00 -19.91 -3.74
CA PRO A 362 10.07 -18.92 -4.27
C PRO A 362 9.07 -19.55 -5.23
N PRO A 363 7.80 -19.12 -5.17
CA PRO A 363 6.77 -19.65 -6.07
C PRO A 363 7.06 -19.32 -7.53
N LYS A 364 6.18 -19.77 -8.42
CA LYS A 364 6.30 -19.45 -9.85
C LYS A 364 5.72 -18.06 -10.15
N TRP A 365 4.60 -17.72 -9.53
CA TRP A 365 3.97 -16.43 -9.76
C TRP A 365 4.88 -15.25 -9.42
N SER A 366 5.63 -15.39 -8.33
CA SER A 366 6.37 -14.29 -7.74
C SER A 366 7.41 -13.69 -8.67
N PHE A 367 7.57 -14.29 -9.84
CA PHE A 367 8.71 -14.04 -10.73
C PHE A 367 8.39 -14.63 -12.08
N PRO A 368 8.67 -13.86 -13.14
CA PRO A 368 8.37 -14.23 -14.52
C PRO A 368 9.24 -15.38 -15.02
N ASP A 369 8.77 -16.06 -16.05
CA ASP A 369 9.51 -17.14 -16.68
C ASP A 369 10.54 -16.64 -17.69
N PHE A 370 10.18 -15.58 -18.42
CA PHE A 370 11.03 -15.06 -19.49
C PHE A 370 12.15 -14.15 -18.98
N LEU A 371 11.95 -13.55 -17.81
CA LEU A 371 12.95 -12.64 -17.24
C LEU A 371 14.08 -13.39 -16.55
N LEU A 372 13.76 -14.58 -16.03
CA LEU A 372 14.68 -15.39 -15.25
C LEU A 372 15.91 -15.79 -16.05
N SER A 373 15.72 -16.06 -17.32
CA SER A 373 16.82 -16.51 -18.17
C SER A 373 17.95 -15.48 -18.14
N LYS A 374 17.63 -14.28 -17.70
CA LYS A 374 18.63 -13.22 -17.58
C LYS A 374 19.20 -13.07 -16.16
N PHE A 375 18.68 -13.82 -15.21
CA PHE A 375 19.26 -13.83 -13.87
C PHE A 375 19.53 -15.26 -13.43
N ARG A 376 20.81 -15.62 -13.41
CA ARG A 376 21.20 -17.01 -13.20
C ARG A 376 21.26 -17.41 -11.74
N ASN A 377 21.52 -16.45 -10.86
CA ASN A 377 21.56 -16.71 -9.43
C ASN A 377 20.16 -16.76 -8.83
N ILE A 378 19.29 -15.87 -9.28
CA ILE A 378 17.89 -15.94 -8.87
C ILE A 378 17.36 -17.27 -9.35
N GLU A 379 17.68 -17.59 -10.60
CA GLU A 379 17.38 -18.91 -11.12
C GLU A 379 17.84 -19.92 -10.08
N LYS A 380 19.16 -19.97 -9.89
CA LYS A 380 19.74 -20.94 -8.97
C LYS A 380 19.08 -20.93 -7.60
N LEU A 381 18.80 -19.75 -7.05
CA LEU A 381 18.15 -19.68 -5.75
C LEU A 381 16.81 -20.42 -5.78
N ILE A 382 15.98 -20.11 -6.77
CA ILE A 382 14.68 -20.76 -6.91
C ILE A 382 14.86 -22.27 -6.80
N ASP A 383 15.82 -22.77 -7.57
CA ASP A 383 16.04 -24.19 -7.73
C ASP A 383 16.63 -24.83 -6.47
N LYS A 384 17.58 -24.14 -5.83
CA LYS A 384 18.34 -24.69 -4.72
C LYS A 384 17.65 -24.63 -3.35
N GLY A 385 17.03 -23.49 -3.05
CA GLY A 385 16.34 -23.31 -1.79
C GLY A 385 17.05 -22.42 -0.79
N ILE A 386 16.28 -21.82 0.11
CA ILE A 386 16.80 -20.98 1.18
C ILE A 386 16.80 -21.77 2.47
N HIS A 387 17.82 -21.56 3.30
CA HIS A 387 17.88 -22.23 4.60
C HIS A 387 17.65 -21.18 5.67
N LEU A 388 16.90 -21.53 6.70
CA LEU A 388 16.54 -20.55 7.71
C LEU A 388 16.51 -21.12 9.13
N ALA A 389 16.81 -20.27 10.10
CA ALA A 389 16.84 -20.68 11.49
C ALA A 389 16.27 -19.59 12.40
N TYR A 390 15.52 -20.01 13.41
CA TYR A 390 15.26 -19.15 14.55
C TYR A 390 16.57 -19.18 15.30
N VAL A 391 17.17 -18.01 15.51
CA VAL A 391 18.45 -17.98 16.21
C VAL A 391 18.40 -17.03 17.40
N ARG A 392 18.63 -17.57 18.59
CA ARG A 392 18.75 -16.74 19.79
C ARG A 392 20.21 -16.60 20.20
N PHE A 393 20.75 -15.40 20.04
CA PHE A 393 22.16 -15.15 20.31
C PHE A 393 22.49 -15.09 21.80
N GLU A 394 21.51 -14.71 22.63
CA GLU A 394 21.78 -14.36 24.03
C GLU A 394 20.82 -15.04 25.04
N GLN A 395 21.14 -14.95 26.33
CA GLN A 395 20.47 -15.76 27.36
C GLN A 395 18.94 -15.69 27.24
N GLY A 396 18.39 -14.55 27.64
CA GLY A 396 16.96 -14.32 27.65
C GLY A 396 16.58 -13.44 26.48
N ASP A 397 17.43 -13.46 25.47
CA ASP A 397 17.31 -12.56 24.35
C ASP A 397 16.19 -12.92 23.37
N VAL A 398 16.04 -12.06 22.37
CA VAL A 398 15.06 -12.23 21.34
C VAL A 398 15.51 -13.34 20.39
N ILE A 399 14.56 -14.07 19.82
CA ILE A 399 14.89 -14.98 18.73
C ILE A 399 14.84 -14.18 17.43
N TYR A 400 15.87 -14.34 16.62
CA TYR A 400 15.96 -13.66 15.34
C TYR A 400 15.67 -14.63 14.22
N MSE A 401 15.08 -14.13 13.15
CA MSE A 401 14.87 -14.98 11.98
C MSE A 401 16.12 -14.87 11.14
O MSE A 401 16.44 -13.80 10.62
CB MSE A 401 13.65 -14.53 11.19
CG MSE A 401 12.82 -15.68 10.63
SE MSE A 401 13.85 -16.99 9.60
CE MSE A 401 13.68 -18.51 10.82
N LEU A 402 16.83 -15.98 11.03
CA LEU A 402 18.09 -16.01 10.30
C LEU A 402 17.90 -16.79 9.02
N GLN A 403 17.93 -16.08 7.89
CA GLN A 403 17.80 -16.75 6.61
C GLN A 403 19.14 -16.74 5.89
N SER A 404 19.45 -17.82 5.20
CA SER A 404 20.67 -17.85 4.42
C SER A 404 20.60 -18.75 3.19
N THR A 405 21.52 -18.48 2.27
CA THR A 405 21.56 -19.15 0.98
C THR A 405 22.48 -20.37 1.08
N THR A 406 22.98 -20.59 2.29
CA THR A 406 23.84 -21.72 2.59
C THR A 406 23.46 -22.29 3.95
N ASN A 407 23.74 -23.57 4.16
CA ASN A 407 23.22 -24.27 5.34
C ASN A 407 23.49 -23.43 6.56
N ILE A 408 22.50 -23.28 7.44
CA ILE A 408 22.67 -22.46 8.63
C ILE A 408 23.97 -22.87 9.28
N GLU A 409 24.27 -24.16 9.14
CA GLU A 409 25.46 -24.76 9.73
C GLU A 409 26.75 -24.09 9.29
N LYS A 410 26.92 -23.88 7.99
CA LYS A 410 28.12 -23.24 7.46
C LYS A 410 28.23 -21.79 7.92
N ILE A 411 27.16 -21.02 7.71
CA ILE A 411 27.20 -19.58 7.89
C ILE A 411 27.10 -19.14 9.36
N LEU A 412 26.33 -19.87 10.17
CA LEU A 412 26.10 -19.45 11.55
C LEU A 412 27.36 -19.18 12.38
N PRO A 413 28.35 -20.08 12.31
CA PRO A 413 29.61 -19.85 13.01
C PRO A 413 30.35 -18.58 12.56
N LEU A 414 30.48 -18.38 11.25
CA LEU A 414 31.09 -17.17 10.70
C LEU A 414 30.35 -15.96 11.22
N ILE A 415 29.05 -16.11 11.39
CA ILE A 415 28.19 -15.02 11.84
C ILE A 415 28.48 -14.72 13.31
N LEU A 416 28.76 -15.76 14.08
CA LEU A 416 28.95 -15.62 15.52
C LEU A 416 30.21 -14.84 15.89
N HIS A 417 31.20 -14.88 15.01
CA HIS A 417 32.48 -14.25 15.29
C HIS A 417 32.32 -12.78 15.67
N HIS A 418 31.34 -12.12 15.08
CA HIS A 418 31.12 -10.70 15.32
C HIS A 418 30.06 -10.37 16.38
N LYS A 419 29.49 -11.40 17.00
CA LYS A 419 28.52 -11.20 18.05
C LYS A 419 29.04 -10.29 19.17
N ALA A 420 28.17 -9.42 19.68
CA ALA A 420 28.52 -8.51 20.76
C ALA A 420 27.49 -8.56 21.89
N GLY A 421 26.28 -8.10 21.60
CA GLY A 421 25.20 -8.14 22.56
C GLY A 421 24.53 -9.49 22.42
N GLY A 422 23.22 -9.52 22.63
CA GLY A 422 22.44 -10.68 22.25
C GLY A 422 22.19 -10.58 20.77
N TYR A 423 23.01 -9.75 20.14
CA TYR A 423 22.84 -9.32 18.77
C TYR A 423 24.24 -9.21 18.18
N LEU A 424 24.34 -8.88 16.90
CA LEU A 424 25.64 -8.84 16.23
C LEU A 424 26.09 -7.39 16.02
N ARG A 425 27.37 -7.14 16.24
CA ARG A 425 27.86 -5.76 16.35
C ARG A 425 27.74 -4.89 15.10
N PRO A 426 28.23 -5.38 13.94
CA PRO A 426 28.24 -4.51 12.76
C PRO A 426 26.84 -4.19 12.23
N LEU A 427 25.86 -5.04 12.52
CA LEU A 427 24.49 -4.73 12.14
C LEU A 427 24.00 -3.63 13.08
N GLN A 428 24.35 -3.76 14.35
CA GLN A 428 24.03 -2.77 15.36
C GLN A 428 24.66 -1.43 14.97
N LEU A 429 25.82 -1.49 14.33
CA LEU A 429 26.50 -0.31 13.78
C LEU A 429 25.93 0.12 12.43
N ALA A 430 25.46 -0.87 11.67
CA ALA A 430 24.88 -0.58 10.36
C ALA A 430 23.51 0.06 10.52
N HIS A 431 22.72 -0.45 11.47
CA HIS A 431 21.37 0.05 11.70
C HIS A 431 21.32 1.40 12.42
N HIS A 432 22.14 1.57 13.45
CA HIS A 432 22.14 2.80 14.23
C HIS A 432 22.85 3.93 13.48
N GLY A 433 23.58 3.59 12.43
CA GLY A 433 24.24 4.58 11.61
C GLY A 433 23.60 4.80 10.26
N VAL A 434 22.53 4.06 9.99
CA VAL A 434 21.84 4.17 8.71
C VAL A 434 20.87 5.36 8.67
N LYS A 435 20.28 5.69 9.81
CA LYS A 435 19.29 6.76 9.88
C LYS A 435 19.87 8.09 9.38
N LYS A 439 17.06 15.31 6.92
CA LYS A 439 15.89 15.78 7.65
C LYS A 439 15.61 17.23 7.29
N GLU A 440 16.42 18.14 7.84
CA GLU A 440 16.40 19.53 7.41
C GLU A 440 16.77 19.54 5.93
N ALA A 441 17.30 18.41 5.47
CA ALA A 441 17.65 18.21 4.07
C ALA A 441 16.43 18.45 3.20
N ARG A 442 15.25 18.39 3.81
CA ARG A 442 14.02 18.65 3.07
C ARG A 442 13.81 20.13 2.75
N HIS A 443 13.61 20.96 3.79
CA HIS A 443 13.14 22.33 3.55
C HIS A 443 14.12 23.20 2.77
N THR A 444 15.30 22.66 2.52
CA THR A 444 16.21 23.17 1.49
C THR A 444 15.61 22.88 0.13
N LEU A 445 15.14 21.65 -0.03
CA LEU A 445 14.48 21.22 -1.26
C LEU A 445 13.10 21.86 -1.38
N GLU A 446 12.70 22.60 -0.35
CA GLU A 446 11.63 23.59 -0.44
C GLU A 446 12.18 24.91 -0.98
N ALA A 447 13.46 25.16 -0.70
CA ALA A 447 14.12 26.46 -0.89
C ALA A 447 14.75 26.64 -2.28
N LEU A 448 14.44 25.70 -3.17
CA LEU A 448 15.08 25.58 -4.47
C LEU A 448 14.39 26.25 -5.68
N ILE A 449 13.17 25.79 -5.99
CA ILE A 449 12.56 26.06 -7.29
C ILE A 449 12.52 27.55 -7.62
N ASN A 450 12.64 28.37 -6.59
CA ASN A 450 12.65 29.81 -6.75
C ASN A 450 13.54 30.23 -7.91
N ALA A 451 14.80 29.84 -7.80
CA ALA A 451 15.87 30.25 -8.68
C ALA A 451 15.47 29.89 -10.10
N LEU A 452 14.42 29.07 -10.20
CA LEU A 452 13.78 28.83 -11.48
C LEU A 452 12.36 29.42 -11.58
N ARG A 453 11.37 28.82 -10.91
CA ARG A 453 9.97 29.23 -11.14
C ARG A 453 9.13 29.73 -9.96
N ASN A 454 8.64 28.82 -9.13
CA ASN A 454 7.60 29.14 -8.16
C ASN A 454 7.68 28.34 -6.85
N ARG A 455 7.31 28.98 -5.75
CA ARG A 455 7.33 28.33 -4.44
C ARG A 455 5.99 27.71 -4.12
N ASP A 456 5.06 27.81 -5.06
CA ASP A 456 3.69 27.45 -4.80
C ASP A 456 3.50 26.10 -4.12
N PRO A 457 3.97 25.01 -4.74
CA PRO A 457 3.43 23.74 -4.21
C PRO A 457 3.76 23.41 -2.75
N ALA A 458 5.03 23.54 -2.38
CA ALA A 458 5.53 22.94 -1.14
C ALA A 458 4.96 23.60 0.10
N LEU A 459 4.30 24.74 -0.09
CA LEU A 459 3.52 25.36 0.95
C LEU A 459 2.14 24.69 0.99
N SER B 25 22.78 15.73 -2.75
CA SER B 25 22.91 15.38 -4.17
C SER B 25 22.57 16.59 -5.05
N LYS B 26 23.55 17.47 -5.24
CA LYS B 26 23.35 18.72 -5.97
C LYS B 26 23.05 18.51 -7.46
N GLN B 27 23.21 17.28 -7.93
CA GLN B 27 22.88 16.93 -9.30
C GLN B 27 21.38 16.72 -9.50
N SER B 28 20.77 16.01 -8.56
CA SER B 28 19.38 15.58 -8.71
C SER B 28 18.40 16.70 -8.39
N ILE B 29 18.86 17.74 -7.71
CA ILE B 29 18.00 18.88 -7.40
C ILE B 29 17.44 19.42 -8.70
N GLU B 30 18.26 19.39 -9.74
CA GLU B 30 17.84 19.79 -11.07
C GLU B 30 16.81 18.80 -11.59
N ARG B 31 17.14 17.51 -11.49
CA ARG B 31 16.25 16.44 -11.93
C ARG B 31 14.91 16.48 -11.21
N ILE B 32 14.91 16.89 -9.94
CA ILE B 32 13.67 17.04 -9.19
C ILE B 32 12.88 18.23 -9.72
N THR B 33 13.56 19.36 -9.83
CA THR B 33 12.94 20.56 -10.37
C THR B 33 12.30 20.26 -11.71
N LYS B 34 13.07 19.67 -12.61
CA LYS B 34 12.57 19.27 -13.92
C LYS B 34 11.25 18.51 -13.81
N ILE B 35 11.27 17.38 -13.12
CA ILE B 35 10.09 16.53 -13.00
C ILE B 35 8.90 17.40 -12.65
N LEU B 36 9.17 18.44 -11.89
CA LEU B 36 8.13 19.36 -11.47
C LEU B 36 7.67 20.30 -12.61
N LEU B 37 8.58 21.12 -13.11
CA LEU B 37 8.25 22.10 -14.13
C LEU B 37 7.49 21.44 -15.26
N ASP B 38 8.03 20.31 -15.72
CA ASP B 38 7.42 19.56 -16.79
C ASP B 38 5.93 19.46 -16.48
N GLU B 39 5.61 18.82 -15.37
CA GLU B 39 4.23 18.69 -14.95
C GLU B 39 3.51 20.03 -14.87
N LEU B 40 4.27 21.09 -14.61
CA LEU B 40 3.70 22.43 -14.55
C LEU B 40 3.39 22.96 -15.95
N GLU B 41 4.41 23.16 -16.77
CA GLU B 41 4.18 23.70 -18.11
C GLU B 41 3.31 22.75 -18.95
N ASN B 42 3.08 21.54 -18.44
CA ASN B 42 2.18 20.59 -19.09
C ASN B 42 0.72 20.97 -18.86
N VAL B 43 0.48 21.67 -17.76
CA VAL B 43 -0.86 22.13 -17.39
C VAL B 43 -1.08 23.48 -18.08
N ARG B 44 -0.12 23.80 -18.94
CA ARG B 44 -0.07 25.08 -19.65
C ARG B 44 -0.67 25.10 -21.06
N GLU B 45 -1.35 24.03 -21.45
CA GLU B 45 -1.81 23.94 -22.85
C GLU B 45 -3.30 24.18 -23.16
N ASN B 46 -4.12 23.18 -22.89
CA ASN B 46 -5.48 23.05 -23.43
C ASN B 46 -6.48 22.83 -22.32
N GLU B 47 -6.14 21.89 -21.45
CA GLU B 47 -6.98 21.48 -20.34
C GLU B 47 -7.40 22.71 -19.55
N GLN B 48 -6.86 23.85 -19.94
CA GLN B 48 -7.32 25.10 -19.38
C GLN B 48 -8.84 24.99 -19.26
N ILE B 49 -9.52 24.77 -20.38
CA ILE B 49 -10.98 24.89 -20.45
C ILE B 49 -11.16 26.37 -20.23
N ARG B 50 -10.04 26.97 -19.84
CA ARG B 50 -9.73 28.39 -19.91
C ARG B 50 -10.57 29.28 -19.02
N ASN B 51 -11.66 28.74 -18.49
CA ASN B 51 -12.60 29.58 -17.78
C ASN B 51 -12.00 30.09 -16.48
N ILE B 52 -10.81 29.57 -16.16
CA ILE B 52 -10.01 30.08 -15.07
C ILE B 52 -9.95 31.61 -15.17
N ILE B 53 -9.89 32.10 -16.41
CA ILE B 53 -9.85 33.53 -16.69
C ILE B 53 -11.15 34.21 -16.24
N ASN B 54 -12.24 33.46 -16.21
CA ASN B 54 -13.55 34.00 -15.85
C ASN B 54 -14.26 33.24 -14.74
N SER B 55 -14.51 31.96 -14.99
CA SER B 55 -15.40 31.15 -14.16
C SER B 55 -15.06 31.28 -12.69
N TRP B 56 -13.83 31.71 -12.40
CA TRP B 56 -13.51 32.05 -11.02
C TRP B 56 -14.54 33.06 -10.57
N LYS B 57 -15.26 32.71 -9.50
CA LYS B 57 -16.28 33.60 -8.96
C LYS B 57 -15.77 34.09 -7.62
N PRO B 58 -15.64 35.42 -7.46
CA PRO B 58 -15.25 35.76 -6.09
C PRO B 58 -16.33 35.28 -5.13
N LEU B 59 -16.10 35.43 -3.84
CA LEU B 59 -16.88 34.67 -2.84
C LEU B 59 -18.35 35.04 -2.70
N PRO B 60 -19.25 34.06 -2.91
CA PRO B 60 -20.61 34.24 -2.40
C PRO B 60 -20.48 34.60 -0.93
N SER B 61 -21.22 35.60 -0.48
CA SER B 61 -21.03 36.12 0.87
C SER B 61 -21.66 35.27 1.97
N PRO B 62 -21.13 35.41 3.19
CA PRO B 62 -21.47 34.61 4.36
C PRO B 62 -22.97 34.45 4.58
N GLU B 63 -23.35 33.30 5.14
CA GLU B 63 -24.71 32.99 5.53
C GLU B 63 -24.59 32.51 6.97
N LYS B 64 -25.69 32.43 7.71
CA LYS B 64 -25.63 31.90 9.09
C LYS B 64 -25.76 30.38 9.10
N SER B 65 -24.98 29.73 9.96
CA SER B 65 -24.97 28.27 9.99
C SER B 65 -24.65 27.72 11.38
N SER B 66 -25.14 26.53 11.64
CA SER B 66 -24.71 25.74 12.78
C SER B 66 -23.79 24.65 12.22
N ILE B 67 -22.54 24.63 12.67
CA ILE B 67 -21.51 23.80 12.03
C ILE B 67 -20.95 22.72 12.94
N TYR B 68 -20.39 21.68 12.32
CA TYR B 68 -19.57 20.70 13.03
C TYR B 68 -18.38 20.26 12.19
N ALA B 69 -17.20 20.27 12.80
CA ALA B 69 -16.00 19.81 12.11
C ALA B 69 -15.48 18.51 12.72
N VAL B 70 -15.44 17.48 11.90
CA VAL B 70 -14.92 16.19 12.31
C VAL B 70 -13.53 16.00 11.70
N ASP B 71 -12.63 15.39 12.46
CA ASP B 71 -11.39 14.85 11.89
C ASP B 71 -11.04 13.60 12.69
N GLY B 72 -9.91 12.99 12.36
CA GLY B 72 -9.51 11.76 13.01
C GLY B 72 -8.01 11.61 13.12
N SER B 73 -7.58 10.58 13.84
CA SER B 73 -6.16 10.31 14.02
C SER B 73 -5.95 8.82 14.20
N ARG B 74 -4.81 8.33 13.73
CA ARG B 74 -4.45 6.95 13.96
C ARG B 74 -2.98 6.83 14.33
N SER B 75 -2.74 6.16 15.44
CA SER B 75 -1.39 5.76 15.82
C SER B 75 -1.33 4.25 15.78
N VAL B 76 -0.46 3.72 14.93
CA VAL B 76 -0.32 2.29 14.82
C VAL B 76 1.07 1.88 15.29
N SER B 77 1.11 0.84 16.10
CA SER B 77 2.39 0.27 16.47
C SER B 77 2.39 -1.20 16.10
N ARG B 78 3.49 -1.66 15.53
CA ARG B 78 3.61 -3.07 15.16
C ARG B 78 4.36 -3.80 16.24
N LEU B 79 3.85 -4.96 16.63
CA LEU B 79 4.53 -5.84 17.56
C LEU B 79 4.58 -7.23 16.93
N SER B 80 5.78 -7.68 16.57
CA SER B 80 5.93 -8.93 15.84
C SER B 80 5.00 -8.96 14.63
N GLY B 81 4.14 -9.98 14.57
CA GLY B 81 3.22 -10.16 13.46
C GLY B 81 1.79 -9.76 13.77
N THR B 82 1.61 -8.97 14.83
CA THR B 82 0.30 -8.47 15.22
C THR B 82 0.37 -6.94 15.36
N VAL B 83 -0.54 -6.24 14.68
CA VAL B 83 -0.48 -4.78 14.67
C VAL B 83 -1.46 -4.15 15.66
N ILE B 84 -0.99 -3.10 16.33
CA ILE B 84 -1.77 -2.39 17.34
C ILE B 84 -2.11 -1.00 16.87
N TYR B 85 -3.40 -0.66 16.90
CA TYR B 85 -3.80 0.67 16.49
C TYR B 85 -4.67 1.41 17.50
N PHE B 86 -4.50 2.72 17.53
CA PHE B 86 -5.30 3.61 18.35
C PHE B 86 -6.00 4.61 17.45
N LEU B 87 -7.31 4.70 17.57
CA LEU B 87 -8.06 5.62 16.74
C LEU B 87 -8.68 6.74 17.58
N SER B 88 -8.41 7.98 17.20
CA SER B 88 -9.07 9.11 17.81
C SER B 88 -9.81 9.91 16.76
N ALA B 89 -11.13 9.88 16.82
CA ALA B 89 -11.95 10.75 15.98
C ALA B 89 -12.42 11.90 16.87
N LEU B 90 -12.52 13.09 16.30
CA LEU B 90 -12.98 14.24 17.06
C LEU B 90 -13.86 15.18 16.25
N ALA B 91 -15.00 15.55 16.82
CA ALA B 91 -15.91 16.50 16.18
C ALA B 91 -16.02 17.77 17.02
N VAL B 92 -15.67 18.92 16.43
CA VAL B 92 -15.82 20.21 17.09
C VAL B 92 -16.53 21.22 16.19
N GLY B 93 -17.53 21.91 16.75
CA GLY B 93 -18.36 22.83 16.00
C GLY B 93 -19.23 23.61 16.97
N SER B 94 -20.29 24.24 16.48
CA SER B 94 -21.17 24.95 17.41
C SER B 94 -21.97 23.87 18.10
N GLY B 95 -21.69 23.69 19.39
CA GLY B 95 -22.07 22.51 20.12
C GLY B 95 -20.94 22.21 21.07
N LYS B 96 -20.88 20.98 21.58
CA LYS B 96 -19.78 20.58 22.46
C LYS B 96 -18.89 19.51 21.83
N GLN B 97 -17.65 19.43 22.29
CA GLN B 97 -16.72 18.44 21.76
C GLN B 97 -17.26 17.02 21.87
N LEU B 98 -17.00 16.22 20.84
CA LEU B 98 -17.39 14.82 20.83
C LEU B 98 -16.22 13.98 20.36
N ARG B 99 -15.91 12.93 21.11
CA ARG B 99 -14.74 12.12 20.81
C ARG B 99 -15.08 10.63 20.81
N LEU B 100 -14.91 9.99 19.65
CA LEU B 100 -15.03 8.54 19.58
C LEU B 100 -13.63 7.93 19.52
N SER B 101 -13.46 6.75 20.11
CA SER B 101 -12.13 6.21 20.29
C SER B 101 -12.12 4.69 20.23
N TYR B 102 -11.03 4.14 19.68
CA TYR B 102 -10.87 2.69 19.61
C TYR B 102 -9.43 2.23 19.87
N ALA B 103 -9.30 0.98 20.31
CA ALA B 103 -8.00 0.32 20.41
C ALA B 103 -8.17 -1.16 20.08
N ASN B 104 -7.25 -1.70 19.31
CA ASN B 104 -7.41 -3.05 18.79
C ASN B 104 -6.07 -3.64 18.40
N ALA B 105 -6.04 -4.95 18.24
CA ALA B 105 -4.86 -5.63 17.76
C ALA B 105 -5.34 -6.63 16.71
N ILE B 106 -4.65 -6.68 15.59
CA ILE B 106 -5.11 -7.50 14.47
C ILE B 106 -3.94 -8.16 13.79
N LYS B 107 -4.23 -9.22 13.03
CA LYS B 107 -3.15 -9.92 12.32
C LYS B 107 -2.64 -9.07 11.15
N SER B 108 -1.32 -8.91 11.13
CA SER B 108 -0.61 -8.12 10.15
C SER B 108 -0.57 -8.87 8.84
N ASN B 109 -0.98 -8.18 7.79
CA ASN B 109 -0.88 -8.68 6.45
C ASN B 109 -0.28 -7.51 5.73
N TYR B 110 0.44 -7.76 4.64
CA TYR B 110 1.31 -6.73 4.09
C TYR B 110 0.68 -5.34 3.96
N GLY B 111 -0.23 -5.15 3.01
CA GLY B 111 -0.92 -3.87 2.84
C GLY B 111 -2.24 -3.70 3.57
N THR B 112 -2.95 -4.80 3.77
CA THR B 112 -4.32 -4.77 4.28
C THR B 112 -4.41 -4.39 5.78
N SER B 113 -3.35 -4.66 6.53
CA SER B 113 -3.33 -4.27 7.94
C SER B 113 -3.57 -2.76 8.01
N ASP B 114 -2.85 -2.02 7.16
CA ASP B 114 -3.02 -0.58 7.07
C ASP B 114 -4.44 -0.23 6.63
N GLN B 115 -4.99 -1.03 5.71
CA GLN B 115 -6.27 -0.70 5.09
C GLN B 115 -7.47 -0.95 5.99
N ILE B 116 -7.42 -2.00 6.81
CA ILE B 116 -8.45 -2.17 7.84
C ILE B 116 -8.43 -0.96 8.75
N VAL B 117 -7.22 -0.52 9.10
CA VAL B 117 -7.04 0.56 10.08
C VAL B 117 -7.56 1.89 9.58
N ARG B 118 -7.31 2.19 8.31
CA ARG B 118 -7.78 3.44 7.75
C ARG B 118 -9.29 3.40 7.58
N MSE B 119 -9.80 2.25 7.17
CA MSE B 119 -11.24 2.07 7.00
C MSE B 119 -11.97 2.38 8.30
O MSE B 119 -12.95 3.13 8.30
CB MSE B 119 -11.54 0.66 6.54
CG MSE B 119 -13.00 0.41 6.29
SE MSE B 119 -13.14 -1.22 5.27
CE MSE B 119 -12.27 -2.44 6.50
N GLN B 120 -11.51 1.80 9.40
CA GLN B 120 -12.10 2.07 10.71
C GLN B 120 -11.91 3.54 11.09
N MSE B 121 -10.79 4.11 10.62
CA MSE B 121 -10.55 5.54 10.79
C MSE B 121 -11.60 6.33 10.01
O MSE B 121 -12.07 7.37 10.47
CB MSE B 121 -9.17 5.90 10.26
CG MSE B 121 -8.84 7.38 10.32
SE MSE B 121 -8.15 7.88 12.06
CE MSE B 121 -9.73 7.58 13.16
N GLU B 122 -11.97 5.81 8.85
CA GLU B 122 -13.01 6.43 8.04
C GLU B 122 -14.36 6.22 8.71
N THR B 123 -14.63 4.98 9.12
CA THR B 123 -15.89 4.63 9.75
C THR B 123 -16.16 5.44 11.01
N LEU B 124 -15.10 5.86 11.70
CA LEU B 124 -15.26 6.66 12.91
C LEU B 124 -15.84 8.04 12.60
N GLU B 125 -15.28 8.72 11.61
CA GLU B 125 -15.68 10.10 11.32
C GLU B 125 -17.03 10.20 10.62
N ASN B 126 -17.26 9.37 9.61
CA ASN B 126 -18.56 9.34 8.97
C ASN B 126 -19.58 9.17 10.07
N MSE B 127 -19.39 8.13 10.86
CA MSE B 127 -20.23 7.84 11.99
C MSE B 127 -20.38 9.07 12.88
O MSE B 127 -21.47 9.38 13.35
CB MSE B 127 -19.64 6.67 12.78
CG MSE B 127 -20.48 6.11 13.91
SE MSE B 127 -19.49 4.67 14.77
CE MSE B 127 -17.82 5.63 15.01
N LEU B 128 -19.28 9.78 13.09
CA LEU B 128 -19.27 10.89 14.05
C LEU B 128 -19.89 12.18 13.53
N GLY B 129 -19.62 12.52 12.28
CA GLY B 129 -20.21 13.70 11.68
C GLY B 129 -21.73 13.59 11.64
N TYR B 130 -22.22 12.39 11.34
CA TYR B 130 -23.64 12.09 11.34
C TYR B 130 -24.26 12.50 12.67
N LEU B 131 -23.82 11.84 13.73
CA LEU B 131 -24.39 12.04 15.06
C LEU B 131 -24.41 13.51 15.48
N ALA B 132 -23.45 14.29 14.99
CA ALA B 132 -23.39 15.72 15.33
C ALA B 132 -24.52 16.49 14.65
N TYR B 133 -24.83 16.12 13.42
CA TYR B 133 -25.99 16.64 12.72
C TYR B 133 -27.21 16.23 13.54
N ARG B 134 -27.27 14.95 13.90
CA ARG B 134 -28.44 14.39 14.54
C ARG B 134 -28.91 15.21 15.74
N LYS B 135 -28.01 15.57 16.63
CA LYS B 135 -28.35 16.64 17.55
C LYS B 135 -27.53 17.87 17.17
N LEU B 136 -28.18 18.79 16.47
CA LEU B 136 -27.63 20.10 16.19
C LEU B 136 -28.80 21.07 16.17
N GLU B 137 -28.70 22.17 16.89
CA GLU B 137 -29.80 23.13 16.92
C GLU B 137 -29.64 24.20 15.85
N GLY B 138 -30.64 24.33 14.99
CA GLY B 138 -30.70 25.48 14.13
C GLY B 138 -31.46 25.28 12.83
N GLU B 139 -31.67 26.39 12.13
CA GLU B 139 -32.29 26.37 10.82
C GLU B 139 -31.24 25.97 9.79
N LYS B 140 -29.97 26.08 10.21
CA LYS B 140 -28.85 25.70 9.34
C LYS B 140 -27.89 24.74 10.04
N ARG B 141 -27.79 23.52 9.52
CA ARG B 141 -26.89 22.53 10.09
C ARG B 141 -25.92 22.01 9.04
N ALA B 142 -24.64 22.29 9.24
CA ALA B 142 -23.62 21.86 8.30
C ALA B 142 -22.49 21.09 8.98
N ILE B 143 -22.16 19.92 8.44
CA ILE B 143 -21.01 19.17 8.90
C ILE B 143 -19.84 19.36 7.93
N LEU B 144 -18.66 19.55 8.47
CA LEU B 144 -17.49 19.84 7.66
C LEU B 144 -16.41 18.77 7.81
N MSE B 145 -16.19 17.99 6.77
CA MSE B 145 -15.28 16.84 6.83
C MSE B 145 -13.89 17.21 6.32
O MSE B 145 -13.76 17.98 5.37
CB MSE B 145 -15.84 15.65 6.04
CG MSE B 145 -17.15 15.11 6.59
SE MSE B 145 -16.99 14.47 8.42
CE MSE B 145 -16.63 12.59 8.09
N ASP B 146 -12.86 16.65 6.94
CA ASP B 146 -11.50 16.82 6.41
C ASP B 146 -11.10 15.61 5.59
N GLY B 147 -10.98 15.80 4.29
CA GLY B 147 -10.73 14.69 3.38
C GLY B 147 -11.41 14.97 2.06
N THR B 148 -11.69 13.91 1.32
CA THR B 148 -12.44 14.02 0.08
C THR B 148 -13.53 12.95 0.00
N LEU B 149 -14.65 13.29 -0.63
CA LEU B 149 -15.69 12.31 -0.89
C LEU B 149 -15.22 11.30 -1.93
N THR B 150 -14.60 11.81 -3.00
CA THR B 150 -14.10 10.96 -4.08
C THR B 150 -13.22 9.83 -3.55
N GLY B 151 -12.12 10.19 -2.89
CA GLY B 151 -11.16 9.22 -2.37
C GLY B 151 -11.83 8.10 -1.61
N SER B 152 -12.92 8.40 -0.92
CA SER B 152 -13.77 7.36 -0.36
C SER B 152 -14.17 6.37 -1.45
N LEU B 153 -14.94 6.87 -2.42
CA LEU B 153 -15.77 6.06 -3.31
C LEU B 153 -15.15 5.61 -4.65
N VAL B 154 -13.92 6.01 -4.94
CA VAL B 154 -13.32 5.61 -6.22
C VAL B 154 -13.17 4.08 -6.28
N ARG B 155 -12.52 3.53 -5.25
CA ARG B 155 -12.29 2.11 -5.14
C ARG B 155 -12.38 1.76 -3.67
N PRO B 156 -12.87 0.55 -3.34
CA PRO B 156 -13.03 0.23 -1.93
C PRO B 156 -11.75 0.56 -1.16
N PRO B 157 -11.89 1.26 -0.03
CA PRO B 157 -10.81 1.73 0.85
C PRO B 157 -9.84 0.62 1.28
N VAL B 158 -10.31 -0.63 1.33
CA VAL B 158 -9.40 -1.75 1.57
C VAL B 158 -8.93 -2.45 0.28
N TYR B 159 -9.29 -1.90 -0.88
CA TYR B 159 -8.89 -2.49 -2.16
C TYR B 159 -9.73 -3.70 -2.51
N PRO B 160 -9.58 -4.22 -3.74
CA PRO B 160 -10.41 -5.41 -4.00
C PRO B 160 -9.90 -6.61 -3.20
N GLU B 161 -9.63 -6.37 -1.92
CA GLU B 161 -9.60 -7.39 -0.89
C GLU B 161 -10.99 -7.62 -0.32
N ASP B 162 -11.72 -6.53 -0.11
CA ASP B 162 -13.04 -6.58 0.51
C ASP B 162 -14.04 -7.24 -0.42
N ILE B 163 -14.08 -6.79 -1.67
CA ILE B 163 -15.00 -7.36 -2.64
C ILE B 163 -14.78 -8.87 -2.67
N ARG B 164 -13.53 -9.29 -2.54
CA ARG B 164 -13.22 -10.71 -2.47
C ARG B 164 -14.01 -11.40 -1.37
N SER B 165 -13.68 -11.08 -0.12
CA SER B 165 -14.30 -11.71 1.03
C SER B 165 -15.83 -11.74 0.93
N LEU B 166 -16.41 -10.64 0.45
CA LEU B 166 -17.85 -10.57 0.25
C LEU B 166 -18.35 -11.72 -0.61
N ASN B 167 -17.68 -11.96 -1.73
CA ASN B 167 -18.09 -13.05 -2.61
C ASN B 167 -17.85 -14.42 -2.01
N VAL B 168 -16.66 -14.63 -1.45
CA VAL B 168 -16.36 -15.86 -0.73
C VAL B 168 -17.43 -16.12 0.31
N MSE B 169 -17.64 -15.15 1.19
CA MSE B 169 -18.72 -15.19 2.16
C MSE B 169 -20.07 -15.53 1.50
O MSE B 169 -20.81 -16.37 1.99
CB MSE B 169 -18.82 -13.86 2.89
CG MSE B 169 -17.89 -13.79 4.08
SE MSE B 169 -18.36 -15.18 5.35
CE MSE B 169 -16.57 -15.62 5.92
N ARG B 170 -20.36 -14.87 0.38
CA ARG B 170 -21.60 -15.09 -0.33
C ARG B 170 -21.67 -16.51 -0.86
N ALA B 171 -20.69 -16.90 -1.68
CA ALA B 171 -20.66 -18.22 -2.24
C ALA B 171 -20.68 -19.27 -1.14
N LEU B 172 -20.06 -18.93 -0.02
CA LEU B 172 -19.90 -19.86 1.08
C LEU B 172 -21.23 -20.30 1.68
N ILE B 173 -21.98 -19.35 2.22
CA ILE B 173 -23.21 -19.68 2.94
C ILE B 173 -24.43 -19.57 2.06
N GLY B 174 -24.21 -19.16 0.81
CA GLY B 174 -25.28 -19.05 -0.16
C GLY B 174 -25.83 -17.65 -0.28
N GLU B 175 -26.49 -17.39 -1.40
CA GLU B 175 -27.14 -16.11 -1.63
C GLU B 175 -28.12 -15.79 -0.51
N SER B 176 -29.14 -16.64 -0.38
CA SER B 176 -30.19 -16.42 0.61
C SER B 176 -29.64 -16.22 2.03
N ASP B 177 -29.02 -17.26 2.58
CA ASP B 177 -28.50 -17.19 3.95
C ASP B 177 -27.73 -15.89 4.14
N PHE B 178 -26.98 -15.50 3.11
CA PHE B 178 -26.21 -14.26 3.14
C PHE B 178 -27.12 -13.05 3.30
N GLU B 179 -28.17 -12.98 2.48
CA GLU B 179 -29.10 -11.85 2.54
C GLU B 179 -29.57 -11.64 3.98
N ASN B 180 -29.84 -12.73 4.67
CA ASN B 180 -30.30 -12.65 6.06
C ASN B 180 -29.15 -12.24 6.99
N LEU B 181 -27.98 -12.80 6.75
CA LEU B 181 -26.79 -12.41 7.51
C LEU B 181 -26.68 -10.90 7.44
N LEU B 182 -26.65 -10.39 6.22
CA LEU B 182 -26.50 -8.97 5.97
C LEU B 182 -27.46 -8.16 6.82
N ASN B 183 -28.76 -8.32 6.55
CA ASN B 183 -29.80 -7.55 7.24
C ASN B 183 -29.65 -7.64 8.75
N GLU B 184 -29.39 -8.85 9.22
CA GLU B 184 -29.16 -9.08 10.63
C GLU B 184 -28.21 -8.04 11.17
N PHE B 185 -27.10 -7.91 10.46
CA PHE B 185 -26.01 -7.06 10.85
C PHE B 185 -26.40 -5.59 10.73
N LEU B 186 -27.00 -5.24 9.61
CA LEU B 186 -27.50 -3.88 9.41
C LEU B 186 -28.41 -3.45 10.56
N GLU B 187 -29.36 -4.32 10.90
CA GLU B 187 -30.20 -4.13 12.07
C GLU B 187 -29.33 -3.79 13.27
N LYS B 188 -28.44 -4.72 13.60
CA LYS B 188 -27.52 -4.58 14.71
C LYS B 188 -26.86 -3.20 14.69
N LEU B 189 -26.45 -2.76 13.51
CA LEU B 189 -25.76 -1.47 13.35
C LEU B 189 -26.50 -0.27 13.98
N ARG B 190 -27.82 -0.21 13.82
CA ARG B 190 -28.63 0.86 14.40
C ARG B 190 -28.77 0.71 15.92
N ASP B 191 -29.02 -0.51 16.36
CA ASP B 191 -29.09 -0.81 17.78
C ASP B 191 -27.86 -0.24 18.44
N HIS B 192 -26.76 -0.27 17.67
CA HIS B 192 -25.51 0.31 18.11
C HIS B 192 -25.61 1.82 18.02
N TYR B 193 -25.79 2.32 16.80
CA TYR B 193 -25.79 3.75 16.55
C TYR B 193 -26.67 4.49 17.55
N ARG B 194 -27.76 3.85 17.98
CA ARG B 194 -28.60 4.43 19.01
C ARG B 194 -27.86 4.45 20.35
N LYS B 195 -27.37 3.29 20.78
CA LYS B 195 -26.68 3.20 22.08
C LYS B 195 -25.44 4.08 22.14
N VAL B 196 -24.64 4.09 21.07
CA VAL B 196 -23.50 4.98 20.98
C VAL B 196 -23.95 6.40 21.25
N GLU B 197 -25.11 6.74 20.71
CA GLU B 197 -25.66 8.07 20.86
C GLU B 197 -25.99 8.27 22.33
N GLU B 198 -26.54 7.23 22.95
CA GLU B 198 -26.80 7.26 24.38
C GLU B 198 -25.54 7.73 25.11
N HIS B 199 -24.46 6.95 25.04
CA HIS B 199 -23.21 7.36 25.66
C HIS B 199 -22.70 8.67 25.06
N LEU B 200 -23.17 9.00 23.86
CA LEU B 200 -22.68 10.18 23.17
C LEU B 200 -23.22 11.47 23.74
N GLU B 201 -24.33 11.38 24.46
CA GLU B 201 -24.84 12.54 25.18
C GLU B 201 -24.38 12.47 26.63
N LYS B 202 -24.74 11.40 27.32
CA LYS B 202 -24.34 11.23 28.72
C LYS B 202 -22.86 11.62 28.90
N ASN B 203 -21.95 10.87 28.29
CA ASN B 203 -20.53 11.18 28.36
C ASN B 203 -20.10 12.23 27.35
N GLY B 204 -20.61 12.11 26.13
CA GLY B 204 -20.14 12.91 25.01
C GLY B 204 -19.03 12.17 24.30
N ASN B 205 -18.84 10.89 24.63
CA ASN B 205 -17.88 10.04 23.94
C ASN B 205 -18.14 8.55 24.13
N TYR B 206 -17.36 7.72 23.42
CA TYR B 206 -17.61 6.29 23.40
C TYR B 206 -16.32 5.50 23.12
N ASP B 207 -16.12 4.37 23.77
CA ASP B 207 -14.93 3.55 23.53
C ASP B 207 -15.08 2.33 22.64
N SER B 208 -16.30 2.03 22.20
CA SER B 208 -16.52 0.87 21.34
C SER B 208 -17.37 1.26 20.14
N PRO B 209 -16.85 2.21 19.34
CA PRO B 209 -17.49 2.86 18.20
C PRO B 209 -17.67 1.86 17.05
N ILE B 210 -16.98 0.73 17.14
CA ILE B 210 -16.94 -0.31 16.11
C ILE B 210 -17.47 -1.67 16.70
N LEU B 211 -18.55 -2.23 16.14
CA LEU B 211 -19.08 -3.55 16.58
C LEU B 211 -18.32 -4.64 15.89
N THR B 212 -17.83 -4.24 14.74
CA THR B 212 -17.42 -5.22 13.77
C THR B 212 -16.56 -6.18 14.56
N ASP B 213 -15.91 -5.68 15.60
CA ASP B 213 -15.09 -6.53 16.46
C ASP B 213 -15.88 -7.41 17.46
N ASN B 214 -16.86 -6.82 18.15
CA ASN B 214 -17.54 -7.49 19.26
C ASN B 214 -18.68 -8.44 18.87
N VAL B 215 -18.89 -8.58 17.56
CA VAL B 215 -20.00 -9.37 17.02
C VAL B 215 -19.54 -10.68 16.40
N VAL B 216 -18.54 -10.58 15.53
CA VAL B 216 -18.26 -11.59 14.52
C VAL B 216 -18.41 -13.05 14.96
N GLU B 217 -17.85 -13.43 16.10
CA GLU B 217 -17.92 -14.83 16.53
C GLU B 217 -19.35 -15.36 16.45
N LYS B 218 -20.27 -14.63 17.06
CA LYS B 218 -21.67 -14.98 16.99
C LYS B 218 -22.05 -15.26 15.54
N LEU B 219 -21.92 -14.25 14.69
CA LEU B 219 -22.40 -14.35 13.32
C LEU B 219 -21.96 -15.63 12.60
N ARG B 220 -20.72 -16.06 12.80
CA ARG B 220 -20.27 -17.29 12.17
C ARG B 220 -20.76 -18.51 12.94
N LYS B 221 -20.82 -18.39 14.26
CA LYS B 221 -21.47 -19.41 15.09
C LYS B 221 -22.84 -19.62 14.53
N LYS B 222 -23.45 -18.50 14.19
CA LYS B 222 -24.75 -18.51 13.57
C LYS B 222 -24.67 -18.94 12.12
N TYR B 223 -24.01 -18.13 11.31
CA TYR B 223 -24.06 -18.24 9.86
C TYR B 223 -23.05 -19.17 9.20
N ILE B 224 -22.08 -19.66 9.94
CA ILE B 224 -21.03 -20.48 9.33
C ILE B 224 -20.93 -21.89 9.89
N ASP B 225 -20.43 -22.00 11.12
CA ASP B 225 -20.16 -23.31 11.72
C ASP B 225 -21.42 -24.09 12.07
N THR B 226 -22.56 -23.40 12.17
CA THR B 226 -23.84 -24.09 12.28
C THR B 226 -23.93 -24.99 11.05
N LYS B 227 -23.03 -24.71 10.10
CA LYS B 227 -22.87 -25.49 8.89
C LYS B 227 -21.52 -26.22 8.88
N VAL B 228 -20.43 -25.47 8.71
CA VAL B 228 -19.07 -26.03 8.55
C VAL B 228 -19.07 -27.57 8.70
N LYS B 235 -10.80 -27.30 5.72
CA LYS B 235 -10.73 -26.58 4.46
C LYS B 235 -11.90 -26.89 3.55
N VAL B 236 -12.34 -25.89 2.80
CA VAL B 236 -13.52 -26.01 1.96
C VAL B 236 -13.30 -25.44 0.56
N LYS B 237 -13.91 -26.09 -0.42
CA LYS B 237 -13.82 -25.69 -1.82
C LYS B 237 -14.85 -24.62 -2.14
N VAL B 238 -14.41 -23.51 -2.72
CA VAL B 238 -15.28 -22.36 -2.94
C VAL B 238 -15.30 -21.85 -4.39
N LYS B 239 -16.42 -22.01 -5.07
CA LYS B 239 -16.59 -21.44 -6.40
C LYS B 239 -16.88 -19.95 -6.30
N ILE B 240 -16.47 -19.18 -7.30
CA ILE B 240 -16.34 -17.74 -7.17
C ILE B 240 -15.99 -17.14 -8.52
N PRO B 241 -16.58 -15.97 -8.83
CA PRO B 241 -16.22 -15.33 -10.09
C PRO B 241 -14.72 -15.04 -10.11
N ARG B 242 -14.04 -15.37 -11.20
CA ARG B 242 -12.63 -15.06 -11.28
C ARG B 242 -12.48 -13.54 -11.24
N LYS B 243 -13.60 -12.87 -11.47
CA LYS B 243 -13.68 -11.42 -11.35
C LYS B 243 -13.37 -10.95 -9.93
N ALA B 244 -13.96 -11.65 -8.96
CA ALA B 244 -13.98 -11.22 -7.56
C ALA B 244 -12.62 -10.83 -6.96
N LEU B 245 -11.55 -11.51 -7.35
CA LEU B 245 -10.24 -11.20 -6.78
C LEU B 245 -9.45 -10.14 -7.59
N GLY B 246 -10.11 -9.54 -8.58
CA GLY B 246 -9.49 -8.52 -9.40
C GLY B 246 -8.45 -9.13 -10.32
N TYR B 247 -8.88 -10.13 -11.08
CA TYR B 247 -7.97 -11.00 -11.81
C TYR B 247 -7.58 -10.50 -13.20
N SER B 248 -8.55 -10.51 -14.11
CA SER B 248 -8.27 -10.47 -15.55
C SER B 248 -7.51 -9.30 -16.16
N PRO B 249 -7.73 -8.06 -15.66
CA PRO B 249 -7.68 -7.05 -16.73
C PRO B 249 -6.38 -7.11 -17.56
N ARG B 250 -5.22 -6.90 -16.96
CA ARG B 250 -4.00 -7.48 -17.50
C ARG B 250 -3.91 -7.75 -19.02
N VAL B 251 -3.66 -9.01 -19.35
CA VAL B 251 -3.40 -9.46 -20.71
C VAL B 251 -4.04 -10.84 -20.98
N ILE B 252 -4.09 -11.24 -22.25
CA ILE B 252 -4.49 -12.60 -22.62
C ILE B 252 -3.56 -13.13 -23.72
N PRO B 253 -3.18 -14.42 -23.64
CA PRO B 253 -2.34 -15.04 -24.67
C PRO B 253 -3.14 -15.36 -25.93
N ILE B 254 -2.49 -15.29 -27.09
CA ILE B 254 -3.21 -15.44 -28.36
C ILE B 254 -4.01 -16.74 -28.44
N GLU B 255 -3.60 -17.73 -27.65
CA GLU B 255 -4.17 -19.06 -27.78
C GLU B 255 -5.61 -19.18 -27.33
N VAL B 256 -5.94 -18.58 -26.20
CA VAL B 256 -7.32 -18.58 -25.73
C VAL B 256 -8.24 -18.10 -26.85
N LEU B 257 -7.74 -17.18 -27.67
CA LEU B 257 -8.47 -16.70 -28.84
C LEU B 257 -8.59 -17.78 -29.91
N GLU B 258 -7.46 -18.36 -30.30
CA GLU B 258 -7.45 -19.42 -31.30
C GLU B 258 -8.33 -20.58 -30.84
N SER B 259 -8.24 -20.90 -29.55
CA SER B 259 -9.08 -21.93 -28.95
C SER B 259 -10.55 -21.65 -29.24
N SER B 260 -10.93 -20.39 -29.13
CA SER B 260 -12.33 -19.99 -29.28
C SER B 260 -12.69 -19.70 -30.73
N ARG B 261 -11.70 -19.74 -31.61
CA ARG B 261 -11.90 -19.33 -33.00
C ARG B 261 -13.10 -20.01 -33.63
N GLY B 262 -13.87 -19.24 -34.41
CA GLY B 262 -15.14 -19.72 -34.90
C GLY B 262 -16.21 -19.16 -33.99
N LYS B 263 -15.77 -18.29 -33.09
CA LYS B 263 -16.65 -17.64 -32.14
C LYS B 263 -16.66 -16.13 -32.38
N SER B 264 -17.72 -15.46 -31.96
CA SER B 264 -17.75 -14.00 -31.92
C SER B 264 -16.95 -13.55 -30.71
N VAL B 265 -16.45 -12.33 -30.74
CA VAL B 265 -15.69 -11.83 -29.60
C VAL B 265 -16.61 -11.66 -28.41
N ASP B 266 -17.78 -11.06 -28.63
CA ASP B 266 -18.70 -10.77 -27.55
C ASP B 266 -18.86 -11.98 -26.64
N GLU B 267 -19.05 -13.14 -27.25
CA GLU B 267 -19.30 -14.35 -26.48
C GLU B 267 -18.06 -14.82 -25.76
N LEU B 268 -16.90 -14.57 -26.37
CA LEU B 268 -15.64 -14.91 -25.75
C LEU B 268 -15.48 -14.13 -24.44
N LEU B 269 -15.77 -12.84 -24.48
CA LEU B 269 -15.70 -12.01 -23.27
C LEU B 269 -16.73 -12.46 -22.26
N GLN B 270 -17.85 -13.00 -22.74
CA GLN B 270 -18.82 -13.62 -21.85
C GLN B 270 -18.07 -14.60 -20.96
N GLU B 271 -17.46 -15.59 -21.59
CA GLU B 271 -16.70 -16.61 -20.89
C GLU B 271 -15.76 -16.04 -19.83
N LEU B 272 -14.74 -15.30 -20.26
CA LEU B 272 -13.73 -14.78 -19.31
C LEU B 272 -14.38 -14.06 -18.14
N ASP B 273 -15.54 -13.48 -18.40
CA ASP B 273 -16.33 -12.85 -17.35
C ASP B 273 -16.95 -13.96 -16.50
N GLU B 274 -17.60 -14.91 -17.16
CA GLU B 274 -18.32 -16.01 -16.50
C GLU B 274 -17.44 -16.82 -15.56
N GLU B 275 -16.12 -16.78 -15.77
CA GLU B 275 -15.21 -17.72 -15.13
C GLU B 275 -15.29 -17.79 -13.62
N LYS B 276 -15.46 -19.01 -13.12
CA LYS B 276 -15.35 -19.31 -11.69
C LYS B 276 -13.95 -19.86 -11.40
N VAL B 277 -13.78 -20.35 -10.19
CA VAL B 277 -12.52 -20.89 -9.70
C VAL B 277 -12.79 -21.51 -8.36
N GLU B 278 -11.87 -22.34 -7.89
CA GLU B 278 -12.05 -22.97 -6.60
C GLU B 278 -11.13 -22.31 -5.59
N LEU B 279 -11.61 -22.17 -4.36
CA LEU B 279 -10.79 -21.74 -3.26
C LEU B 279 -10.95 -22.74 -2.13
N TYR B 280 -9.85 -23.07 -1.46
CA TYR B 280 -9.91 -24.00 -0.35
C TYR B 280 -9.56 -23.29 0.94
N LEU B 281 -10.53 -23.22 1.85
CA LEU B 281 -10.45 -22.29 2.98
C LEU B 281 -10.39 -22.97 4.36
N GLY B 282 -9.34 -22.67 5.12
CA GLY B 282 -9.24 -23.12 6.49
C GLY B 282 -10.05 -22.24 7.42
N LYS B 283 -10.07 -22.56 8.71
CA LYS B 283 -10.88 -21.80 9.66
C LYS B 283 -10.49 -20.34 9.67
N ASP B 284 -9.20 -20.07 9.49
CA ASP B 284 -8.69 -18.71 9.47
C ASP B 284 -9.37 -17.85 8.41
N ASP B 285 -9.17 -18.23 7.15
CA ASP B 285 -9.71 -17.47 6.03
C ASP B 285 -11.23 -17.31 6.11
N ILE B 286 -11.94 -18.42 6.28
CA ILE B 286 -13.38 -18.36 6.47
C ILE B 286 -13.69 -17.31 7.54
N TYR B 287 -13.00 -17.40 8.68
CA TYR B 287 -13.15 -16.40 9.72
C TYR B 287 -12.86 -15.00 9.20
N ASP B 288 -11.74 -14.86 8.50
CA ASP B 288 -11.26 -13.54 8.05
C ASP B 288 -12.18 -12.86 7.04
N ALA B 289 -12.58 -13.61 6.01
CA ALA B 289 -13.48 -13.07 4.99
C ALA B 289 -14.70 -12.48 5.68
N LEU B 290 -15.04 -13.04 6.84
CA LEU B 290 -16.19 -12.57 7.59
C LEU B 290 -15.84 -11.22 8.20
N HIS B 291 -14.83 -11.21 9.07
CA HIS B 291 -14.43 -9.95 9.70
C HIS B 291 -14.19 -8.85 8.68
N MSE B 292 -13.79 -9.23 7.47
CA MSE B 292 -13.63 -8.24 6.42
C MSE B 292 -14.99 -7.81 5.90
O MSE B 292 -15.26 -6.62 5.77
CB MSE B 292 -12.78 -8.77 5.27
CG MSE B 292 -12.67 -7.79 4.11
SE MSE B 292 -11.57 -6.22 4.55
CE MSE B 292 -9.89 -7.18 4.82
N THR B 293 -15.86 -8.79 5.61
CA THR B 293 -17.15 -8.45 5.03
C THR B 293 -17.92 -7.50 5.94
N LEU B 294 -18.09 -7.85 7.20
CA LEU B 294 -18.84 -6.96 8.06
C LEU B 294 -18.11 -5.65 8.27
N SER B 295 -16.78 -5.71 8.37
CA SER B 295 -15.98 -4.49 8.50
C SER B 295 -16.32 -3.52 7.38
N TYR B 296 -16.30 -4.04 6.16
CA TYR B 296 -16.71 -3.29 4.98
C TYR B 296 -18.14 -2.79 5.17
N ILE B 297 -19.03 -3.67 5.64
CA ILE B 297 -20.43 -3.31 5.84
C ILE B 297 -20.60 -2.14 6.81
N GLU B 298 -19.95 -2.20 7.97
CA GLU B 298 -20.03 -1.07 8.89
C GLU B 298 -19.42 0.18 8.29
N TYR B 299 -18.45 -0.02 7.41
CA TYR B 299 -17.80 1.10 6.75
C TYR B 299 -18.77 1.91 5.89
N LEU B 300 -19.48 1.24 5.00
CA LEU B 300 -20.44 1.92 4.14
C LEU B 300 -21.62 2.45 4.94
N TYR B 301 -21.89 1.81 6.09
CA TYR B 301 -23.01 2.22 6.91
C TYR B 301 -22.79 3.64 7.42
N SER B 302 -21.58 3.92 7.87
CA SER B 302 -21.23 5.24 8.35
C SER B 302 -21.33 6.27 7.23
N ILE B 303 -21.18 5.81 6.00
CA ILE B 303 -21.29 6.70 4.85
C ILE B 303 -22.75 7.00 4.50
N ASP B 304 -23.50 5.96 4.16
CA ASP B 304 -24.88 6.12 3.73
C ASP B 304 -25.53 7.08 4.70
N LYS B 305 -25.34 6.83 6.00
CA LYS B 305 -25.80 7.74 7.03
C LYS B 305 -25.30 9.16 6.78
N LEU B 306 -23.99 9.33 6.87
CA LEU B 306 -23.39 10.66 6.75
C LEU B 306 -23.92 11.45 5.57
N LEU B 307 -24.22 10.78 4.46
CA LEU B 307 -24.72 11.44 3.25
C LEU B 307 -26.12 12.04 3.47
N GLU B 308 -26.79 11.58 4.53
CA GLU B 308 -28.11 12.08 4.86
C GLU B 308 -28.04 13.56 5.19
N VAL B 309 -26.88 13.99 5.67
CA VAL B 309 -26.66 15.38 6.03
C VAL B 309 -27.08 16.28 4.87
N LYS B 310 -27.94 17.24 5.14
CA LYS B 310 -28.44 18.11 4.08
C LYS B 310 -27.33 18.97 3.50
N ASN B 311 -26.52 19.54 4.37
CA ASN B 311 -25.35 20.30 3.92
C ASN B 311 -24.06 19.62 4.34
N LEU B 312 -23.36 19.02 3.38
CA LEU B 312 -22.14 18.29 3.68
C LEU B 312 -20.99 18.76 2.79
N ALA B 313 -19.97 19.33 3.41
CA ALA B 313 -18.82 19.83 2.66
C ALA B 313 -17.54 19.08 3.03
N TYR B 314 -16.77 18.71 1.99
CA TYR B 314 -15.47 18.11 2.18
C TYR B 314 -14.39 19.12 1.87
N ILE B 315 -13.57 19.42 2.87
CA ILE B 315 -12.39 20.23 2.64
C ILE B 315 -11.17 19.33 2.61
N ALA B 316 -10.45 19.36 1.50
CA ALA B 316 -9.19 18.65 1.37
C ALA B 316 -8.17 19.58 0.74
N LYS B 317 -6.96 19.60 1.28
CA LYS B 317 -5.91 20.44 0.73
C LYS B 317 -5.25 19.82 -0.51
N SER B 318 -5.02 18.52 -0.46
CA SER B 318 -4.45 17.79 -1.59
C SER B 318 -4.96 16.35 -1.55
N PHE B 319 -5.14 15.74 -2.72
CA PHE B 319 -5.76 14.42 -2.81
C PHE B 319 -5.28 13.68 -4.04
N TYR B 320 -5.89 12.52 -4.29
CA TYR B 320 -5.44 11.63 -5.36
C TYR B 320 -6.17 11.96 -6.66
N THR B 321 -5.43 12.45 -7.64
CA THR B 321 -6.01 12.97 -8.89
C THR B 321 -6.08 12.00 -10.07
N LYS B 322 -5.43 10.85 -9.97
CA LYS B 322 -5.25 9.99 -11.13
C LYS B 322 -6.56 9.56 -11.82
N THR B 323 -7.38 8.76 -11.14
CA THR B 323 -8.65 8.30 -11.73
C THR B 323 -9.57 9.47 -11.98
N LEU B 324 -9.24 10.62 -11.43
CA LEU B 324 -10.08 11.80 -11.58
C LEU B 324 -10.15 12.26 -13.03
N ALA B 325 -8.99 12.32 -13.69
CA ALA B 325 -8.95 12.59 -15.12
C ALA B 325 -9.74 11.49 -15.84
N ARG B 326 -10.10 10.45 -15.10
CA ARG B 326 -10.81 9.30 -15.65
C ARG B 326 -12.19 9.12 -14.99
N VAL B 330 -13.32 12.74 -16.99
CA VAL B 330 -13.36 14.14 -16.59
C VAL B 330 -11.99 14.71 -16.22
N GLU B 331 -11.58 15.75 -16.93
CA GLU B 331 -10.33 16.44 -16.64
C GLU B 331 -10.39 17.08 -15.27
N ILE B 332 -9.22 17.28 -14.66
CA ILE B 332 -9.07 18.07 -13.44
C ILE B 332 -7.62 18.10 -12.99
N VAL B 333 -7.34 18.91 -11.98
CA VAL B 333 -5.98 19.13 -11.52
C VAL B 333 -5.95 19.26 -10.00
N ASP B 334 -4.91 18.71 -9.37
CA ASP B 334 -4.75 18.85 -7.94
C ASP B 334 -4.60 20.33 -7.59
N THR B 335 -5.28 20.75 -6.54
CA THR B 335 -5.41 22.17 -6.21
C THR B 335 -4.11 22.95 -6.32
N ALA B 336 -3.11 22.61 -5.50
CA ALA B 336 -1.86 23.34 -5.49
C ALA B 336 -1.19 23.36 -6.86
N LEU B 337 -1.59 22.44 -7.73
CA LEU B 337 -1.11 22.45 -9.11
C LEU B 337 -1.84 23.52 -9.91
N LEU B 338 -3.15 23.56 -9.76
CA LEU B 338 -3.96 24.61 -10.41
C LEU B 338 -3.55 26.01 -9.94
N ASP B 339 -3.41 26.17 -8.64
CA ASP B 339 -3.06 27.48 -8.06
C ASP B 339 -1.90 28.13 -8.80
N ALA B 340 -0.75 27.47 -8.77
CA ALA B 340 0.46 28.04 -9.37
C ALA B 340 0.22 28.46 -10.81
N VAL B 341 -0.79 27.87 -11.43
CA VAL B 341 -1.15 28.22 -12.81
C VAL B 341 -1.80 29.59 -12.86
N ILE B 342 -2.96 29.73 -12.20
CA ILE B 342 -3.68 30.99 -12.23
C ILE B 342 -2.74 32.15 -11.95
N ARG B 343 -1.80 31.95 -11.01
CA ARG B 343 -0.87 33.01 -10.63
C ARG B 343 0.10 33.38 -11.74
N THR B 344 0.44 32.41 -12.58
CA THR B 344 1.31 32.64 -13.72
C THR B 344 0.50 33.09 -14.93
N LEU B 345 -0.79 33.33 -14.70
CA LEU B 345 -1.71 33.89 -15.69
C LEU B 345 -2.21 35.26 -15.20
N ILE B 346 -2.92 35.25 -14.08
CA ILE B 346 -3.34 36.47 -13.37
C ILE B 346 -2.47 36.71 -12.14
N LYS B 350 -6.35 36.49 -5.97
CA LYS B 350 -7.55 36.90 -5.25
C LYS B 350 -8.27 35.71 -4.63
N GLU B 351 -9.05 35.99 -3.59
CA GLU B 351 -9.87 34.95 -2.99
C GLU B 351 -11.05 34.58 -3.90
N GLY B 352 -11.87 33.66 -3.43
CA GLY B 352 -13.02 33.23 -4.20
C GLY B 352 -12.92 31.83 -4.76
N TYR B 353 -13.96 31.43 -5.45
CA TYR B 353 -14.13 30.02 -5.79
C TYR B 353 -14.33 29.79 -7.28
N LEU B 354 -13.84 28.64 -7.75
CA LEU B 354 -14.07 28.21 -9.12
C LEU B 354 -14.75 26.85 -9.13
N GLU B 355 -15.98 26.84 -9.62
CA GLU B 355 -16.81 25.63 -9.61
C GLU B 355 -16.32 24.64 -10.67
N ILE B 356 -17.01 23.51 -10.76
CA ILE B 356 -16.89 22.64 -11.91
C ILE B 356 -18.33 22.39 -12.35
N GLU B 357 -18.60 22.58 -13.63
CA GLU B 357 -19.99 22.64 -14.11
C GLU B 357 -20.67 21.28 -14.10
N HIS B 358 -19.88 20.23 -14.20
CA HIS B 358 -20.42 18.88 -14.26
C HIS B 358 -20.06 18.08 -13.01
N ALA B 359 -21.06 17.80 -12.19
CA ALA B 359 -20.87 16.95 -11.03
C ALA B 359 -20.31 15.62 -11.50
N VAL B 360 -19.40 15.06 -10.73
CA VAL B 360 -18.85 13.74 -11.05
C VAL B 360 -19.61 12.64 -10.31
N VAL B 361 -20.08 11.65 -11.07
CA VAL B 361 -20.70 10.47 -10.47
C VAL B 361 -19.59 9.54 -9.98
N PRO B 362 -19.85 8.78 -8.92
CA PRO B 362 -18.85 7.78 -8.54
C PRO B 362 -19.07 6.53 -9.38
N PRO B 363 -18.19 5.53 -9.26
CA PRO B 363 -18.39 4.26 -9.97
C PRO B 363 -19.55 3.45 -9.40
N LYS B 364 -20.39 2.92 -10.27
CA LYS B 364 -21.54 2.12 -9.85
C LYS B 364 -21.08 0.71 -9.47
N TRP B 365 -20.15 0.18 -10.27
CA TRP B 365 -19.60 -1.15 -10.03
C TRP B 365 -18.77 -1.20 -8.75
N SER B 366 -18.23 -0.05 -8.34
CA SER B 366 -17.37 0.01 -7.17
C SER B 366 -18.06 -0.59 -5.96
N PHE B 367 -19.39 -0.54 -5.97
CA PHE B 367 -20.16 -1.21 -4.93
C PHE B 367 -21.11 -2.20 -5.61
N PRO B 368 -21.18 -3.42 -5.06
CA PRO B 368 -21.88 -4.55 -5.67
C PRO B 368 -23.39 -4.42 -5.77
N ASP B 369 -23.98 -5.22 -6.67
CA ASP B 369 -25.42 -5.28 -6.84
C ASP B 369 -26.12 -5.39 -5.50
N PHE B 370 -25.92 -6.52 -4.84
CA PHE B 370 -26.68 -6.92 -3.66
C PHE B 370 -26.62 -5.94 -2.49
N LEU B 371 -25.61 -5.09 -2.44
CA LEU B 371 -25.49 -4.13 -1.34
C LEU B 371 -26.35 -2.88 -1.47
N LEU B 372 -26.33 -2.25 -2.64
CA LEU B 372 -26.94 -0.92 -2.78
C LEU B 372 -28.46 -0.89 -2.66
N SER B 373 -29.10 -2.05 -2.77
CA SER B 373 -30.51 -2.15 -2.40
C SER B 373 -30.61 -1.56 -1.00
N LYS B 374 -29.57 -1.79 -0.22
CA LYS B 374 -29.50 -1.40 1.18
C LYS B 374 -29.03 0.05 1.38
N PHE B 375 -28.51 0.70 0.35
CA PHE B 375 -28.10 2.09 0.57
C PHE B 375 -28.60 3.07 -0.49
N ARG B 376 -29.57 3.89 -0.09
CA ARG B 376 -30.15 4.86 -1.02
C ARG B 376 -29.29 6.10 -1.09
N ASN B 377 -28.82 6.56 0.07
CA ASN B 377 -27.96 7.73 0.09
C ASN B 377 -26.71 7.54 -0.77
N ILE B 378 -26.20 6.31 -0.82
CA ILE B 378 -25.17 5.96 -1.79
C ILE B 378 -25.76 5.82 -3.19
N GLU B 379 -26.78 4.97 -3.28
CA GLU B 379 -27.45 4.64 -4.52
C GLU B 379 -27.78 5.92 -5.25
N LYS B 380 -28.19 6.93 -4.49
CA LYS B 380 -28.54 8.23 -5.04
C LYS B 380 -27.30 8.98 -5.51
N LEU B 381 -26.21 8.87 -4.77
CA LEU B 381 -25.01 9.61 -5.12
C LEU B 381 -24.40 9.12 -6.44
N ILE B 382 -24.48 7.82 -6.69
CA ILE B 382 -24.10 7.34 -8.02
C ILE B 382 -25.05 7.96 -9.06
N ASP B 383 -26.36 7.81 -8.83
CA ASP B 383 -27.38 8.43 -9.67
C ASP B 383 -26.96 9.88 -9.89
N LYS B 384 -26.88 10.57 -8.76
CA LYS B 384 -26.77 12.03 -8.69
C LYS B 384 -25.38 12.55 -9.03
N GLY B 385 -24.40 12.24 -8.20
CA GLY B 385 -23.05 12.75 -8.40
C GLY B 385 -22.70 13.83 -7.40
N ILE B 386 -21.42 14.18 -7.33
CA ILE B 386 -20.96 15.15 -6.34
C ILE B 386 -20.30 16.34 -7.00
N HIS B 387 -20.50 17.52 -6.39
CA HIS B 387 -20.02 18.75 -6.99
C HIS B 387 -18.65 19.16 -6.44
N LEU B 388 -17.76 19.51 -7.35
CA LEU B 388 -16.39 19.87 -6.99
C LEU B 388 -16.15 21.35 -7.18
N ALA B 389 -15.45 21.96 -6.23
CA ALA B 389 -15.14 23.38 -6.29
C ALA B 389 -13.78 23.68 -5.67
N TYR B 390 -13.05 24.60 -6.28
CA TYR B 390 -11.76 25.02 -5.76
C TYR B 390 -11.98 26.27 -4.92
N VAL B 391 -11.26 26.39 -3.81
CA VAL B 391 -11.52 27.48 -2.87
C VAL B 391 -10.25 28.06 -2.26
N ARG B 392 -10.28 29.37 -2.00
CA ARG B 392 -9.21 30.03 -1.26
C ARG B 392 -9.87 31.13 -0.42
N PHE B 393 -9.50 31.28 0.85
CA PHE B 393 -10.02 32.45 1.56
C PHE B 393 -9.12 33.68 1.47
N GLU B 394 -8.00 33.65 2.17
CA GLU B 394 -7.18 34.83 2.35
C GLU B 394 -6.47 35.17 1.07
N GLN B 395 -5.53 36.10 1.13
CA GLN B 395 -4.77 36.46 -0.05
C GLN B 395 -3.85 35.29 -0.37
N GLY B 396 -2.94 34.96 0.54
CA GLY B 396 -1.89 34.01 0.27
C GLY B 396 -2.06 32.55 0.65
N ASP B 397 -3.23 32.17 1.17
CA ASP B 397 -3.51 30.77 1.48
C ASP B 397 -3.62 29.98 0.17
N VAL B 398 -3.18 28.73 0.19
CA VAL B 398 -3.29 27.94 -1.04
C VAL B 398 -4.76 27.64 -1.20
N ILE B 399 -5.12 27.03 -2.32
CA ILE B 399 -6.51 26.75 -2.60
C ILE B 399 -6.80 25.32 -2.20
N TYR B 400 -7.87 25.12 -1.44
CA TYR B 400 -8.22 23.78 -1.03
C TYR B 400 -9.13 23.13 -2.06
N MSE B 401 -9.40 21.85 -1.86
CA MSE B 401 -10.37 21.15 -2.67
C MSE B 401 -11.63 21.11 -1.85
O MSE B 401 -11.62 20.66 -0.70
CB MSE B 401 -9.89 19.73 -2.98
CG MSE B 401 -10.94 18.84 -3.62
SE MSE B 401 -11.73 19.65 -5.18
CE MSE B 401 -12.79 18.14 -5.80
N LEU B 402 -12.71 21.60 -2.42
CA LEU B 402 -14.00 21.54 -1.74
C LEU B 402 -14.91 20.54 -2.45
N GLN B 403 -15.70 19.82 -1.68
CA GLN B 403 -16.64 18.87 -2.27
C GLN B 403 -17.92 18.88 -1.49
N SER B 404 -19.03 18.54 -2.14
CA SER B 404 -20.30 18.45 -1.42
C SER B 404 -21.28 17.51 -2.09
N THR B 405 -22.25 17.04 -1.30
CA THR B 405 -23.34 16.24 -1.80
C THR B 405 -24.25 17.13 -2.63
N THR B 406 -24.69 18.23 -2.03
CA THR B 406 -25.55 19.19 -2.71
C THR B 406 -24.76 20.41 -3.19
N ASN B 407 -25.19 20.99 -4.31
CA ASN B 407 -24.35 21.91 -5.10
C ASN B 407 -23.70 23.05 -4.33
N ILE B 408 -22.53 23.47 -4.82
CA ILE B 408 -21.65 24.42 -4.12
C ILE B 408 -22.32 25.67 -3.53
N GLU B 409 -22.91 26.50 -4.39
CA GLU B 409 -23.39 27.81 -3.98
C GLU B 409 -24.12 27.73 -2.65
N LYS B 410 -25.18 26.94 -2.60
CA LYS B 410 -25.93 26.78 -1.37
C LYS B 410 -24.99 26.59 -0.18
N ILE B 411 -24.23 25.50 -0.20
CA ILE B 411 -23.37 25.11 0.93
C ILE B 411 -22.28 26.13 1.32
N LEU B 412 -21.43 26.50 0.35
CA LEU B 412 -20.21 27.27 0.63
C LEU B 412 -20.38 28.45 1.62
N PRO B 413 -21.35 29.35 1.36
CA PRO B 413 -21.59 30.47 2.27
C PRO B 413 -21.86 29.99 3.69
N LEU B 414 -22.61 28.90 3.83
CA LEU B 414 -22.88 28.30 5.14
C LEU B 414 -21.58 28.10 5.88
N ILE B 415 -20.62 27.44 5.22
CA ILE B 415 -19.29 27.25 5.77
C ILE B 415 -18.61 28.57 6.01
N LEU B 416 -18.65 29.44 5.00
CA LEU B 416 -17.95 30.71 5.06
C LEU B 416 -18.28 31.50 6.31
N HIS B 417 -19.46 31.27 6.85
CA HIS B 417 -19.88 31.86 8.12
C HIS B 417 -18.86 31.61 9.23
N HIS B 418 -18.35 30.39 9.30
CA HIS B 418 -17.52 29.92 10.41
C HIS B 418 -16.03 30.20 10.20
N LYS B 419 -15.72 30.97 9.17
CA LYS B 419 -14.34 31.23 8.75
C LYS B 419 -13.42 31.67 9.89
N ALA B 420 -12.16 31.25 9.83
CA ALA B 420 -11.11 31.76 10.72
C ALA B 420 -10.02 32.50 9.95
N LEU B 424 -10.13 29.04 8.69
CA LEU B 424 -11.39 28.34 8.94
C LEU B 424 -11.38 27.64 10.30
N ARG B 425 -12.06 28.22 11.28
CA ARG B 425 -11.95 27.76 12.65
C ARG B 425 -12.40 26.32 12.98
N PRO B 426 -13.66 25.97 12.72
CA PRO B 426 -14.03 24.63 13.19
C PRO B 426 -13.04 23.56 12.73
N LEU B 427 -12.46 23.74 11.54
CA LEU B 427 -11.37 22.88 11.07
C LEU B 427 -10.30 22.78 12.13
N GLN B 428 -9.64 23.90 12.40
CA GLN B 428 -8.41 23.91 13.16
C GLN B 428 -8.55 23.05 14.41
N LEU B 429 -9.63 23.27 15.16
CA LEU B 429 -9.87 22.51 16.38
C LEU B 429 -10.18 21.04 16.12
N ALA B 430 -11.05 20.77 15.15
CA ALA B 430 -11.32 19.39 14.77
C ALA B 430 -10.00 18.67 14.55
N HIS B 431 -9.07 19.32 13.84
CA HIS B 431 -7.78 18.75 13.56
C HIS B 431 -6.84 18.76 14.76
N HIS B 432 -6.55 19.97 15.24
CA HIS B 432 -5.52 20.19 16.24
C HIS B 432 -5.58 19.13 17.33
N GLY B 433 -6.64 19.17 18.12
CA GLY B 433 -6.79 18.28 19.26
C GLY B 433 -6.77 16.80 18.93
N VAL B 434 -7.24 16.45 17.74
CA VAL B 434 -7.34 15.06 17.34
C VAL B 434 -5.96 14.41 17.11
N LYS B 435 -4.92 15.24 17.06
CA LYS B 435 -3.62 14.80 16.58
C LYS B 435 -2.71 14.14 17.62
N ILE B 436 -2.40 12.87 17.41
CA ILE B 436 -1.28 12.22 18.09
C ILE B 436 -1.10 12.77 19.49
N SER B 437 -2.12 12.59 20.32
CA SER B 437 -1.95 12.81 21.74
C SER B 437 -1.02 11.66 22.06
N TYR B 438 0.03 11.92 22.83
CA TYR B 438 1.27 11.20 22.61
C TYR B 438 1.26 9.68 22.60
N LYS B 439 2.22 9.12 21.87
CA LYS B 439 2.37 7.69 21.64
C LYS B 439 2.55 6.97 22.96
N GLU B 440 2.68 7.74 24.03
CA GLU B 440 2.74 7.18 25.38
C GLU B 440 1.58 6.20 25.57
N ALA B 441 0.46 6.49 24.93
CA ALA B 441 -0.68 5.59 24.95
C ALA B 441 -0.30 4.21 24.42
N ARG B 442 0.79 4.14 23.65
CA ARG B 442 1.30 2.88 23.13
C ARG B 442 2.01 2.07 24.22
N HIS B 443 3.09 2.61 24.76
CA HIS B 443 3.98 1.85 25.62
C HIS B 443 3.43 1.76 27.04
N THR B 444 2.20 2.24 27.19
CA THR B 444 1.37 2.02 28.38
C THR B 444 0.83 0.58 28.51
N LEU B 445 0.62 -0.09 27.38
CA LEU B 445 0.00 -1.43 27.38
C LEU B 445 0.91 -2.57 27.82
N GLU B 446 2.17 -2.48 27.44
CA GLU B 446 3.17 -3.49 27.77
C GLU B 446 3.16 -3.94 29.23
N ALA B 447 3.50 -3.03 30.14
CA ALA B 447 3.84 -3.37 31.51
C ALA B 447 2.69 -4.03 32.25
N LEU B 448 1.50 -3.98 31.64
CA LEU B 448 0.32 -4.62 32.23
C LEU B 448 0.29 -6.12 31.95
N ILE B 449 0.67 -6.53 30.74
CA ILE B 449 0.52 -7.91 30.30
C ILE B 449 1.14 -8.94 31.25
N ASN B 450 2.40 -8.72 31.62
CA ASN B 450 3.15 -9.67 32.44
C ASN B 450 2.43 -10.00 33.74
N ALA B 451 1.55 -9.10 34.17
CA ALA B 451 0.72 -9.35 35.34
C ALA B 451 -0.08 -10.62 35.10
N LEU B 452 -0.14 -11.03 33.84
CA LEU B 452 -0.87 -12.23 33.46
C LEU B 452 0.07 -13.41 33.23
N ARG B 453 0.71 -13.48 32.08
CA ARG B 453 1.63 -14.58 31.82
C ARG B 453 2.98 -14.20 31.22
N ASN B 454 2.95 -13.77 29.95
CA ASN B 454 4.18 -13.65 29.17
C ASN B 454 4.28 -12.36 28.36
N ARG B 455 5.31 -11.60 28.67
CA ARG B 455 5.59 -10.29 28.12
C ARG B 455 6.35 -10.36 26.82
N ASP B 456 6.73 -11.55 26.37
CA ASP B 456 7.63 -11.65 25.21
C ASP B 456 7.13 -10.87 23.99
N PRO B 457 5.93 -11.20 23.50
CA PRO B 457 5.49 -10.40 22.35
C PRO B 457 5.61 -8.93 22.70
N ALA B 458 5.25 -8.60 23.95
CA ALA B 458 5.28 -7.21 24.42
C ALA B 458 6.63 -6.54 24.19
N LEU B 459 7.70 -7.32 24.18
CA LEU B 459 9.02 -6.78 23.86
C LEU B 459 9.29 -6.60 22.36
N LYS B 460 8.98 -7.61 21.55
CA LYS B 460 9.30 -7.56 20.11
C LYS B 460 8.42 -6.56 19.36
MN MN C . 16.27 -2.36 6.94
MN MN D . 17.33 -0.69 10.72
C1 GOL E . 16.88 -5.80 1.68
O1 GOL E . 16.66 -6.19 0.35
C2 GOL E . 15.56 -5.32 2.31
O2 GOL E . 15.66 -3.95 2.65
C3 GOL E . 15.26 -6.16 3.54
O3 GOL E . 14.14 -5.63 4.20
MN MN F . -7.92 13.71 8.61
MN MN G . -5.99 16.18 9.86
#